data_2XFM
#
_entry.id   2XFM
#
_cell.length_a   1.000
_cell.length_b   1.000
_cell.length_c   1.000
_cell.angle_alpha   90.00
_cell.angle_beta   90.00
_cell.angle_gamma   90.00
#
_symmetry.space_group_name_H-M   'P 1'
#
loop_
_entity.id
_entity.type
_entity.pdbx_description
1 polymer 'PIWI-LIKE PROTEIN 1'
2 polymer "5'-R(*AP*CP*CP*GP*AP*CP*UP*(OMU)P)-3'"
#
loop_
_entity_poly.entity_id
_entity_poly.type
_entity_poly.pdbx_seq_one_letter_code
_entity_poly.pdbx_strand_id
1 'polypeptide(L)'
;RSETVLDFMFNLYQQTEEHKFQEQVSKELIGLIVLTKYNNKTYRVDDIDWDQNPKSTFKKADGSEVSFLEYYRKQYNQEI
TDLKQPVLVSQPKRRRGPGGTLPGPAMLIPELCYLTGLTDKMRNDFNVMKDLAVHTRLTPEQRQREVGRL
;
A
2 'polyribonucleotide' ACCGACU(OMU) B
#
# COMPACT_ATOMS: atom_id res chain seq x y z
N ARG A 1 -14.73 -1.54 -15.04
CA ARG A 1 -13.27 -1.72 -15.20
C ARG A 1 -12.53 -1.31 -13.95
N SER A 2 -11.24 -1.67 -13.89
CA SER A 2 -10.33 -1.39 -12.77
C SER A 2 -10.73 -2.15 -11.49
N GLU A 3 -9.73 -2.65 -10.78
CA GLU A 3 -9.98 -3.42 -9.58
C GLU A 3 -8.92 -3.11 -8.51
N THR A 4 -9.22 -3.45 -7.28
CA THR A 4 -8.33 -3.19 -6.16
C THR A 4 -7.14 -4.14 -6.15
N VAL A 5 -6.06 -3.71 -5.51
CA VAL A 5 -4.87 -4.52 -5.37
C VAL A 5 -5.15 -5.71 -4.44
N LEU A 6 -6.07 -5.48 -3.49
CA LEU A 6 -6.42 -6.50 -2.50
C LEU A 6 -7.04 -7.70 -3.20
N ASP A 7 -7.81 -7.45 -4.24
CA ASP A 7 -8.44 -8.51 -5.01
C ASP A 7 -7.38 -9.38 -5.67
N PHE A 8 -6.34 -8.73 -6.20
CA PHE A 8 -5.28 -9.44 -6.90
C PHE A 8 -4.57 -10.43 -5.98
N MET A 9 -4.17 -9.97 -4.79
CA MET A 9 -3.48 -10.82 -3.85
C MET A 9 -4.42 -11.89 -3.29
N PHE A 10 -5.71 -11.56 -3.17
CA PHE A 10 -6.70 -12.51 -2.70
C PHE A 10 -6.94 -13.59 -3.75
N ASN A 11 -7.05 -13.16 -5.00
CA ASN A 11 -7.20 -14.06 -6.15
C ASN A 11 -6.05 -15.06 -6.17
N LEU A 12 -4.84 -14.53 -6.14
CA LEU A 12 -3.63 -15.36 -6.18
C LEU A 12 -3.52 -16.25 -4.95
N TYR A 13 -4.02 -15.75 -3.82
CA TYR A 13 -3.93 -16.46 -2.54
C TYR A 13 -4.72 -17.76 -2.57
N GLN A 14 -5.92 -17.73 -3.12
CA GLN A 14 -6.77 -18.92 -3.16
C GLN A 14 -6.37 -19.82 -4.32
N GLN A 15 -5.62 -19.27 -5.26
CA GLN A 15 -5.26 -19.96 -6.49
C GLN A 15 -3.91 -20.68 -6.38
N THR A 16 -2.95 -20.04 -5.73
CA THR A 16 -1.61 -20.58 -5.64
C THR A 16 -1.28 -21.00 -4.21
N GLU A 17 -0.33 -21.93 -4.07
CA GLU A 17 0.14 -22.34 -2.76
C GLU A 17 0.66 -21.16 -1.97
N GLU A 18 0.10 -20.97 -0.77
CA GLU A 18 0.38 -19.81 0.09
C GLU A 18 1.88 -19.57 0.26
N HIS A 19 2.64 -20.62 0.55
CA HIS A 19 4.06 -20.48 0.82
C HIS A 19 4.85 -20.06 -0.42
N LYS A 20 4.44 -20.54 -1.59
CA LYS A 20 5.07 -20.12 -2.84
C LYS A 20 4.47 -18.82 -3.32
N PHE A 21 3.24 -18.58 -2.89
CA PHE A 21 2.54 -17.34 -3.14
C PHE A 21 3.24 -16.21 -2.41
N GLN A 22 3.85 -16.54 -1.28
CA GLN A 22 4.67 -15.58 -0.54
C GLN A 22 5.81 -15.06 -1.43
N GLU A 23 6.40 -15.96 -2.21
CA GLU A 23 7.43 -15.58 -3.17
C GLU A 23 6.81 -14.86 -4.37
N GLN A 24 5.73 -15.42 -4.89
CA GLN A 24 5.08 -14.85 -6.08
C GLN A 24 4.57 -13.44 -5.84
N VAL A 25 3.97 -13.19 -4.69
CA VAL A 25 3.45 -11.86 -4.39
C VAL A 25 4.57 -10.83 -4.44
N SER A 26 5.76 -11.23 -4.01
CA SER A 26 6.92 -10.36 -4.08
C SER A 26 7.37 -10.15 -5.52
N LYS A 27 7.38 -11.22 -6.30
CA LYS A 27 7.84 -11.18 -7.68
C LYS A 27 6.85 -10.46 -8.61
N GLU A 28 5.56 -10.55 -8.30
CA GLU A 28 4.53 -9.91 -9.11
C GLU A 28 4.23 -8.47 -8.65
N LEU A 29 4.01 -8.30 -7.35
CA LEU A 29 3.57 -7.00 -6.82
C LEU A 29 4.68 -5.96 -6.90
N ILE A 30 5.91 -6.34 -6.57
CA ILE A 30 7.03 -5.42 -6.61
C ILE A 30 7.32 -5.01 -8.04
N GLY A 31 6.90 -3.80 -8.38
CA GLY A 31 7.13 -3.29 -9.72
C GLY A 31 5.86 -2.84 -10.41
N LEU A 32 4.71 -3.41 -10.04
CA LEU A 32 3.47 -3.08 -10.74
C LEU A 32 2.91 -1.73 -10.30
N ILE A 33 2.10 -1.14 -11.17
CA ILE A 33 1.63 0.23 -11.00
C ILE A 33 0.27 0.28 -10.32
N VAL A 34 0.15 1.17 -9.34
CA VAL A 34 -1.05 1.32 -8.55
C VAL A 34 -1.43 2.80 -8.43
N LEU A 35 -2.72 3.11 -8.35
CA LEU A 35 -3.13 4.47 -8.10
C LEU A 35 -3.87 4.56 -6.77
N THR A 36 -3.59 5.61 -6.02
CA THR A 36 -4.15 5.77 -4.69
C THR A 36 -5.43 6.62 -4.71
N LYS A 37 -6.48 6.07 -4.11
CA LYS A 37 -7.85 6.57 -4.29
C LYS A 37 -8.06 8.04 -3.91
N TYR A 38 -7.38 8.54 -2.88
CA TYR A 38 -7.68 9.88 -2.34
C TYR A 38 -7.68 10.96 -3.43
N ASN A 39 -6.73 10.89 -4.35
CA ASN A 39 -6.68 11.85 -5.45
C ASN A 39 -6.51 11.09 -6.76
N ASN A 40 -6.57 9.77 -6.66
CA ASN A 40 -6.22 8.87 -7.77
C ASN A 40 -4.79 9.15 -8.21
N LYS A 41 -3.91 9.27 -7.21
CA LYS A 41 -2.50 9.56 -7.45
C LYS A 41 -1.83 8.32 -8.00
N THR A 42 -0.63 8.46 -8.52
CA THR A 42 0.02 7.33 -9.14
C THR A 42 1.27 6.90 -8.38
N TYR A 43 1.41 5.59 -8.18
CA TYR A 43 2.54 5.01 -7.44
C TYR A 43 2.81 3.59 -7.93
N ARG A 44 3.92 3.02 -7.50
CA ARG A 44 4.24 1.62 -7.78
C ARG A 44 4.53 0.88 -6.48
N VAL A 45 4.17 -0.39 -6.42
CA VAL A 45 4.42 -1.20 -5.24
C VAL A 45 5.86 -1.68 -5.22
N ASP A 46 6.65 -1.15 -4.30
CA ASP A 46 8.05 -1.53 -4.19
C ASP A 46 8.24 -2.53 -3.06
N ASP A 47 7.44 -2.39 -2.02
CA ASP A 47 7.54 -3.27 -0.86
C ASP A 47 6.16 -3.54 -0.27
N ILE A 48 6.01 -4.67 0.42
CA ILE A 48 4.74 -5.04 1.01
C ILE A 48 4.90 -5.29 2.51
N ASP A 49 4.00 -4.71 3.29
CA ASP A 49 4.05 -4.90 4.74
C ASP A 49 2.87 -5.76 5.19
N TRP A 50 3.19 -6.91 5.80
CA TRP A 50 2.17 -7.90 6.14
C TRP A 50 1.60 -7.67 7.54
N ASP A 51 0.30 -7.92 7.71
CA ASP A 51 -0.39 -7.81 9.00
C ASP A 51 -0.29 -6.40 9.58
N GLN A 52 -0.14 -5.40 8.72
CA GLN A 52 -0.03 -4.03 9.21
C GLN A 52 -1.37 -3.54 9.73
N ASN A 53 -1.33 -2.60 10.67
CA ASN A 53 -2.53 -2.17 11.37
C ASN A 53 -2.86 -0.72 11.06
N PRO A 54 -4.15 -0.35 11.19
CA PRO A 54 -4.62 1.02 10.98
C PRO A 54 -4.11 2.00 12.03
N LYS A 55 -3.50 1.47 13.09
CA LYS A 55 -3.00 2.28 14.19
C LYS A 55 -1.69 2.96 13.82
N SER A 56 -1.28 2.83 12.57
CA SER A 56 -0.07 3.47 12.09
C SER A 56 -0.28 4.98 11.99
N THR A 57 0.68 5.74 12.50
CA THR A 57 0.56 7.18 12.51
C THR A 57 1.49 7.82 11.49
N PHE A 58 1.10 8.98 11.00
CA PHE A 58 1.87 9.65 9.94
C PHE A 58 2.82 10.66 10.54
N LYS A 59 4.08 10.58 10.13
CA LYS A 59 5.11 11.47 10.65
C LYS A 59 5.18 12.75 9.82
N LYS A 60 4.64 13.83 10.36
CA LYS A 60 4.80 15.15 9.76
C LYS A 60 5.83 15.95 10.55
N ALA A 61 5.75 15.85 11.87
CA ALA A 61 6.71 16.53 12.74
C ALA A 61 7.41 15.54 13.66
N ASP A 62 7.26 14.25 13.34
CA ASP A 62 7.76 13.16 14.18
C ASP A 62 7.29 13.37 15.63
N GLY A 63 6.04 13.07 15.86
CA GLY A 63 5.41 13.32 17.14
C GLY A 63 3.94 13.60 16.95
N SER A 64 3.63 14.19 15.80
CA SER A 64 2.25 14.34 15.38
C SER A 64 1.68 12.97 15.05
N GLU A 65 0.55 12.62 15.64
CA GLU A 65 0.02 11.29 15.44
C GLU A 65 -1.44 11.31 15.01
N VAL A 66 -1.66 10.89 13.78
CA VAL A 66 -2.99 10.69 13.24
C VAL A 66 -3.07 9.34 12.55
N SER A 67 -4.18 8.64 12.73
CA SER A 67 -4.34 7.31 12.15
C SER A 67 -4.85 7.40 10.72
N PHE A 68 -4.91 6.27 10.04
CA PHE A 68 -5.50 6.22 8.69
C PHE A 68 -6.92 6.75 8.71
N LEU A 69 -7.69 6.36 9.72
CA LEU A 69 -9.08 6.77 9.82
C LEU A 69 -9.19 8.27 10.07
N GLU A 70 -8.41 8.75 11.03
CA GLU A 70 -8.38 10.18 11.35
C GLU A 70 -8.03 11.01 10.10
N TYR A 71 -6.95 10.61 9.43
CA TYR A 71 -6.46 11.32 8.26
C TYR A 71 -7.47 11.29 7.12
N TYR A 72 -7.93 10.09 6.77
CA TYR A 72 -8.75 9.91 5.58
C TYR A 72 -10.19 10.40 5.78
N ARG A 73 -10.74 10.19 6.98
CA ARG A 73 -12.14 10.53 7.26
C ARG A 73 -12.40 12.02 7.09
N LYS A 74 -11.43 12.83 7.49
CA LYS A 74 -11.55 14.27 7.35
C LYS A 74 -11.56 14.69 5.89
N GLN A 75 -11.08 13.80 5.01
CA GLN A 75 -11.09 14.06 3.58
C GLN A 75 -12.39 13.51 3.00
N TYR A 76 -12.66 12.24 3.31
CA TYR A 76 -13.85 11.57 2.83
C TYR A 76 -14.31 10.57 3.88
N ASN A 77 -15.61 10.35 3.93
CA ASN A 77 -16.25 9.46 4.92
C ASN A 77 -15.94 7.98 4.70
N GLN A 78 -14.90 7.68 3.95
CA GLN A 78 -14.53 6.28 3.70
C GLN A 78 -14.03 5.63 4.99
N GLU A 79 -14.37 4.37 5.15
CA GLU A 79 -13.95 3.60 6.31
C GLU A 79 -12.85 2.64 5.92
N ILE A 80 -11.72 2.70 6.61
CA ILE A 80 -10.63 1.77 6.38
C ILE A 80 -10.97 0.44 7.05
N THR A 81 -10.58 -0.66 6.44
CA THR A 81 -11.05 -1.97 6.88
C THR A 81 -10.03 -3.06 6.56
N ASP A 82 -8.76 -2.72 6.65
CA ASP A 82 -7.69 -3.63 6.30
C ASP A 82 -7.45 -4.60 7.44
N LEU A 83 -6.93 -4.07 8.54
CA LEU A 83 -6.74 -4.81 9.80
C LEU A 83 -6.05 -6.16 9.59
N LYS A 84 -4.72 -6.14 9.68
CA LYS A 84 -3.90 -7.36 9.61
C LYS A 84 -3.77 -7.84 8.18
N GLN A 85 -4.31 -7.06 7.27
CA GLN A 85 -4.11 -7.29 5.85
C GLN A 85 -2.94 -6.43 5.39
N PRO A 86 -2.15 -6.91 4.43
CA PRO A 86 -0.94 -6.23 3.99
C PRO A 86 -1.22 -4.86 3.39
N VAL A 87 -0.32 -3.93 3.64
CA VAL A 87 -0.41 -2.59 3.07
C VAL A 87 0.73 -2.38 2.08
N LEU A 88 0.53 -1.51 1.12
CA LEU A 88 1.50 -1.31 0.05
C LEU A 88 2.47 -0.18 0.40
N VAL A 89 3.75 -0.47 0.37
CA VAL A 89 4.77 0.52 0.69
C VAL A 89 5.52 0.96 -0.57
N SER A 90 5.61 2.26 -0.76
CA SER A 90 6.41 2.81 -1.84
C SER A 90 7.78 3.18 -1.31
N GLN A 91 8.81 2.83 -2.06
CA GLN A 91 10.18 3.03 -1.64
C GLN A 91 10.83 4.13 -2.49
N PRO A 92 11.11 5.29 -1.88
CA PRO A 92 11.61 6.48 -2.61
C PRO A 92 12.88 6.22 -3.43
N LYS A 93 13.68 5.24 -3.01
CA LYS A 93 14.91 4.92 -3.71
C LYS A 93 15.11 3.42 -3.81
N ARG A 94 15.57 2.98 -4.98
CA ARG A 94 15.77 1.56 -5.25
C ARG A 94 16.92 0.99 -4.43
N ARG A 95 17.19 -0.29 -4.65
CA ARG A 95 18.16 -1.03 -3.86
C ARG A 95 19.59 -0.53 -4.03
N ARG A 96 19.95 0.41 -3.18
CA ARG A 96 21.33 0.82 -3.01
C ARG A 96 21.52 1.28 -1.57
N GLY A 97 20.58 2.08 -1.10
CA GLY A 97 20.57 2.46 0.30
C GLY A 97 21.40 3.68 0.59
N PRO A 98 20.78 4.85 0.73
CA PRO A 98 21.48 6.08 1.11
C PRO A 98 21.63 6.22 2.64
N GLY A 99 21.15 5.21 3.36
CA GLY A 99 21.21 5.22 4.81
C GLY A 99 20.16 6.13 5.43
N GLY A 100 20.34 7.43 5.26
CA GLY A 100 19.42 8.39 5.81
C GLY A 100 18.27 8.70 4.87
N THR A 101 17.15 8.03 5.06
CA THR A 101 15.96 8.28 4.26
C THR A 101 15.23 9.52 4.76
N LEU A 102 15.48 10.64 4.09
CA LEU A 102 14.85 11.91 4.44
C LEU A 102 13.31 11.80 4.41
N PRO A 103 12.73 11.34 3.29
CA PRO A 103 11.30 11.07 3.23
C PRO A 103 10.97 9.71 3.85
N GLY A 104 10.02 9.71 4.77
CA GLY A 104 9.61 8.46 5.39
C GLY A 104 8.91 7.54 4.41
N PRO A 105 8.95 6.22 4.64
CA PRO A 105 8.29 5.26 3.76
C PRO A 105 6.79 5.54 3.65
N ALA A 106 6.31 5.66 2.43
CA ALA A 106 4.91 5.95 2.19
C ALA A 106 4.10 4.66 2.11
N MET A 107 3.15 4.51 3.02
CA MET A 107 2.37 3.28 3.07
C MET A 107 0.90 3.57 2.76
N LEU A 108 0.40 2.87 1.76
CA LEU A 108 -0.98 3.00 1.33
C LEU A 108 -1.68 1.67 1.50
N ILE A 109 -2.81 1.67 2.19
CA ILE A 109 -3.55 0.44 2.46
C ILE A 109 -4.20 -0.09 1.18
N PRO A 110 -4.46 -1.42 1.13
CA PRO A 110 -4.90 -2.13 -0.08
C PRO A 110 -6.07 -1.47 -0.81
N GLU A 111 -7.18 -1.23 -0.12
CA GLU A 111 -8.39 -0.75 -0.80
C GLU A 111 -8.27 0.69 -1.25
N LEU A 112 -7.26 1.39 -0.78
CA LEU A 112 -7.03 2.76 -1.21
C LEU A 112 -6.02 2.75 -2.34
N CYS A 113 -5.76 1.54 -2.84
CA CYS A 113 -4.87 1.33 -3.95
C CYS A 113 -5.56 0.48 -5.01
N TYR A 114 -5.55 0.96 -6.24
CA TYR A 114 -6.22 0.27 -7.33
C TYR A 114 -5.27 0.12 -8.51
N LEU A 115 -5.57 -0.82 -9.41
CA LEU A 115 -4.72 -1.07 -10.56
C LEU A 115 -4.88 0.03 -11.60
N THR A 116 -3.76 0.63 -12.02
CA THR A 116 -3.81 1.78 -12.91
C THR A 116 -3.88 1.38 -14.39
N GLY A 117 -3.34 0.21 -14.72
CA GLY A 117 -3.35 -0.21 -16.11
C GLY A 117 -2.03 -0.80 -16.56
N LEU A 118 -0.92 -0.28 -16.03
CA LEU A 118 0.40 -0.79 -16.39
C LEU A 118 0.66 -2.15 -15.70
N THR A 119 -0.39 -2.74 -15.20
CA THR A 119 -0.33 -4.03 -14.53
C THR A 119 -0.58 -5.16 -15.51
N ASP A 120 -1.04 -4.82 -16.70
CA ASP A 120 -1.34 -5.82 -17.72
C ASP A 120 -0.06 -6.27 -18.41
N ARG A 1 -9.19 -2.64 -16.79
CA ARG A 1 -9.10 -1.18 -16.54
C ARG A 1 -8.54 -0.92 -15.16
N SER A 2 -9.35 -1.13 -14.14
CA SER A 2 -8.95 -0.86 -12.76
C SER A 2 -9.59 -1.88 -11.82
N GLU A 3 -8.82 -2.35 -10.85
CA GLU A 3 -9.30 -3.32 -9.89
C GLU A 3 -8.62 -3.12 -8.54
N THR A 4 -9.23 -3.65 -7.49
CA THR A 4 -8.71 -3.47 -6.14
C THR A 4 -7.62 -4.49 -5.83
N VAL A 5 -6.77 -4.17 -4.85
CA VAL A 5 -5.66 -5.04 -4.46
C VAL A 5 -6.19 -6.35 -3.87
N LEU A 6 -7.35 -6.27 -3.22
CA LEU A 6 -7.93 -7.43 -2.54
C LEU A 6 -8.23 -8.55 -3.51
N ASP A 7 -8.80 -8.21 -4.66
CA ASP A 7 -9.18 -9.21 -5.65
C ASP A 7 -7.94 -9.90 -6.21
N PHE A 8 -6.88 -9.12 -6.43
CA PHE A 8 -5.64 -9.66 -6.99
C PHE A 8 -5.00 -10.66 -6.04
N MET A 9 -4.83 -10.28 -4.77
CA MET A 9 -4.19 -11.17 -3.82
C MET A 9 -5.09 -12.37 -3.50
N PHE A 10 -6.41 -12.16 -3.58
CA PHE A 10 -7.35 -13.25 -3.36
C PHE A 10 -7.22 -14.28 -4.49
N ASN A 11 -7.13 -13.78 -5.72
CA ASN A 11 -6.98 -14.64 -6.89
C ASN A 11 -5.65 -15.39 -6.83
N LEU A 12 -4.62 -14.72 -6.33
CA LEU A 12 -3.30 -15.33 -6.16
C LEU A 12 -3.39 -16.46 -5.14
N TYR A 13 -4.11 -16.20 -4.06
CA TYR A 13 -4.17 -17.09 -2.91
C TYR A 13 -4.85 -18.42 -3.26
N GLN A 14 -5.77 -18.40 -4.20
CA GLN A 14 -6.48 -19.61 -4.60
C GLN A 14 -5.77 -20.30 -5.76
N GLN A 15 -4.70 -19.69 -6.24
CA GLN A 15 -3.98 -20.19 -7.39
C GLN A 15 -2.58 -20.67 -6.99
N THR A 16 -2.18 -20.34 -5.77
CA THR A 16 -0.84 -20.65 -5.29
C THR A 16 -0.86 -20.88 -3.78
N GLU A 17 0.00 -21.80 -3.30
CA GLU A 17 0.07 -22.11 -1.87
C GLU A 17 0.47 -20.90 -1.06
N GLU A 18 0.11 -20.93 0.23
CA GLU A 18 0.34 -19.81 1.15
C GLU A 18 1.78 -19.29 1.08
N HIS A 19 2.75 -20.20 1.16
CA HIS A 19 4.14 -19.79 1.25
C HIS A 19 4.71 -19.38 -0.12
N LYS A 20 4.23 -20.00 -1.18
CA LYS A 20 4.72 -19.65 -2.52
C LYS A 20 3.98 -18.42 -3.05
N PHE A 21 2.76 -18.24 -2.56
CA PHE A 21 1.96 -17.06 -2.87
C PHE A 21 2.57 -15.85 -2.20
N GLN A 22 3.08 -16.04 -0.99
CA GLN A 22 3.76 -14.96 -0.28
C GLN A 22 5.05 -14.56 -1.00
N GLU A 23 5.66 -15.53 -1.67
CA GLU A 23 6.80 -15.24 -2.55
C GLU A 23 6.33 -14.57 -3.83
N GLN A 24 5.27 -15.10 -4.42
CA GLN A 24 4.81 -14.66 -5.74
C GLN A 24 4.20 -13.27 -5.69
N VAL A 25 3.54 -12.92 -4.58
CA VAL A 25 2.90 -11.61 -4.45
C VAL A 25 3.91 -10.48 -4.65
N SER A 26 5.10 -10.65 -4.08
CA SER A 26 6.16 -9.67 -4.24
C SER A 26 6.69 -9.70 -5.67
N LYS A 27 6.70 -10.90 -6.26
CA LYS A 27 7.16 -11.10 -7.63
C LYS A 27 6.21 -10.40 -8.61
N GLU A 28 4.91 -10.55 -8.37
CA GLU A 28 3.91 -9.99 -9.26
C GLU A 28 3.76 -8.48 -9.06
N LEU A 29 3.60 -8.06 -7.80
CA LEU A 29 3.29 -6.66 -7.49
C LEU A 29 4.47 -5.72 -7.73
N ILE A 30 5.66 -6.13 -7.32
CA ILE A 30 6.85 -5.27 -7.47
C ILE A 30 7.20 -5.13 -8.94
N GLY A 31 6.74 -4.02 -9.52
CA GLY A 31 6.88 -3.80 -10.93
C GLY A 31 5.59 -3.27 -11.54
N LEU A 32 4.46 -3.63 -10.93
CA LEU A 32 3.16 -3.16 -11.38
C LEU A 32 2.92 -1.72 -10.93
N ILE A 33 2.04 -1.02 -11.63
CA ILE A 33 1.71 0.35 -11.28
C ILE A 33 0.39 0.38 -10.50
N VAL A 34 0.33 1.25 -9.51
CA VAL A 34 -0.85 1.40 -8.68
C VAL A 34 -1.19 2.89 -8.53
N LEU A 35 -2.46 3.21 -8.46
CA LEU A 35 -2.86 4.60 -8.26
C LEU A 35 -3.73 4.72 -7.01
N THR A 36 -3.86 5.94 -6.50
CA THR A 36 -4.64 6.18 -5.30
C THR A 36 -6.00 6.74 -5.64
N LYS A 37 -6.98 6.45 -4.80
CA LYS A 37 -8.36 6.92 -5.00
C LYS A 37 -8.50 8.42 -4.77
N TYR A 38 -7.84 8.93 -3.74
CA TYR A 38 -8.11 10.28 -3.25
C TYR A 38 -7.52 11.37 -4.14
N ASN A 39 -6.52 11.03 -4.95
CA ASN A 39 -5.78 12.05 -5.70
C ASN A 39 -5.41 11.55 -7.10
N ASN A 40 -5.89 10.36 -7.44
CA ASN A 40 -5.48 9.63 -8.67
C ASN A 40 -3.97 9.69 -8.86
N LYS A 41 -3.26 9.81 -7.73
CA LYS A 41 -1.80 9.83 -7.72
C LYS A 41 -1.29 8.44 -8.04
N THR A 42 -0.04 8.31 -8.42
CA THR A 42 0.43 7.02 -8.82
C THR A 42 1.73 6.62 -8.10
N TYR A 43 1.83 5.32 -7.82
CA TYR A 43 3.02 4.70 -7.28
C TYR A 43 3.25 3.36 -7.98
N ARG A 44 4.50 2.99 -8.19
CA ARG A 44 4.81 1.63 -8.63
C ARG A 44 5.35 0.87 -7.43
N VAL A 45 4.83 -0.33 -7.21
CA VAL A 45 5.09 -1.08 -5.98
C VAL A 45 6.58 -1.37 -5.80
N ASP A 46 7.17 -0.73 -4.79
CA ASP A 46 8.57 -0.97 -4.45
C ASP A 46 8.71 -2.16 -3.53
N ASP A 47 7.93 -2.17 -2.45
CA ASP A 47 8.04 -3.21 -1.44
C ASP A 47 6.69 -3.48 -0.78
N ILE A 48 6.61 -4.56 -0.01
CA ILE A 48 5.38 -4.96 0.65
C ILE A 48 5.61 -5.19 2.14
N ASP A 49 4.70 -4.70 2.97
CA ASP A 49 4.76 -4.99 4.40
C ASP A 49 3.52 -5.78 4.80
N TRP A 50 3.63 -6.60 5.84
CA TRP A 50 2.61 -7.59 6.14
C TRP A 50 1.93 -7.34 7.48
N ASP A 51 0.63 -7.63 7.51
CA ASP A 51 -0.22 -7.51 8.70
C ASP A 51 0.04 -6.26 9.53
N GLN A 52 -0.31 -5.12 8.96
CA GLN A 52 -0.24 -3.83 9.63
C GLN A 52 -1.64 -3.47 10.15
N ASN A 53 -1.74 -2.43 10.97
CA ASN A 53 -3.04 -1.93 11.40
C ASN A 53 -3.10 -0.41 11.32
N PRO A 54 -4.32 0.16 11.25
CA PRO A 54 -4.55 1.62 11.23
C PRO A 54 -4.07 2.34 12.49
N LYS A 55 -3.69 1.55 13.50
CA LYS A 55 -3.23 2.06 14.79
C LYS A 55 -2.00 2.97 14.64
N SER A 56 -1.28 2.79 13.54
CA SER A 56 -0.11 3.62 13.25
C SER A 56 -0.54 5.01 12.83
N THR A 57 0.25 6.01 13.21
CA THR A 57 -0.07 7.39 12.88
C THR A 57 0.88 7.95 11.83
N PHE A 58 0.46 9.02 11.17
CA PHE A 58 1.30 9.71 10.20
C PHE A 58 2.03 10.85 10.88
N LYS A 59 3.34 10.88 10.71
CA LYS A 59 4.15 11.90 11.33
C LYS A 59 4.35 13.09 10.41
N LYS A 60 3.65 14.17 10.68
CA LYS A 60 3.89 15.41 9.97
C LYS A 60 4.95 16.20 10.73
N ALA A 61 6.20 15.93 10.39
CA ALA A 61 7.36 16.45 11.09
C ALA A 61 7.42 15.92 12.51
N ASP A 62 6.99 16.71 13.48
CA ASP A 62 6.94 16.27 14.86
C ASP A 62 6.02 17.18 15.65
N GLY A 63 4.72 16.98 15.45
CA GLY A 63 3.73 17.76 16.14
C GLY A 63 2.33 17.33 15.77
N SER A 64 2.14 17.01 14.51
CA SER A 64 0.85 16.53 14.05
C SER A 64 0.96 15.06 13.65
N GLU A 65 0.09 14.23 14.23
CA GLU A 65 0.06 12.81 13.92
C GLU A 65 -1.36 12.34 13.73
N VAL A 66 -1.63 11.88 12.52
CA VAL A 66 -2.97 11.46 12.13
C VAL A 66 -3.04 9.95 12.00
N SER A 67 -4.11 9.36 12.50
CA SER A 67 -4.32 7.91 12.39
C SER A 67 -4.76 7.55 10.96
N PHE A 68 -4.58 6.29 10.59
CA PHE A 68 -4.97 5.81 9.27
C PHE A 68 -6.45 6.05 9.00
N LEU A 69 -7.30 5.64 9.94
CA LEU A 69 -8.74 5.80 9.79
C LEU A 69 -9.11 7.28 9.90
N GLU A 70 -8.41 7.99 10.76
CA GLU A 70 -8.63 9.41 10.98
C GLU A 70 -8.34 10.20 9.71
N TYR A 71 -7.23 9.87 9.07
CA TYR A 71 -6.83 10.48 7.82
C TYR A 71 -7.88 10.27 6.74
N TYR A 72 -8.37 9.05 6.64
CA TYR A 72 -9.28 8.72 5.59
C TYR A 72 -10.66 9.33 5.81
N ARG A 73 -11.11 9.35 7.07
CA ARG A 73 -12.44 9.89 7.40
C ARG A 73 -12.55 11.35 6.96
N LYS A 74 -11.46 12.09 7.10
CA LYS A 74 -11.42 13.48 6.66
C LYS A 74 -11.63 13.60 5.15
N GLN A 75 -11.22 12.57 4.43
CA GLN A 75 -11.29 12.57 2.96
C GLN A 75 -12.63 11.98 2.53
N TYR A 76 -12.94 10.82 3.07
CA TYR A 76 -14.17 10.12 2.79
C TYR A 76 -14.67 9.47 4.07
N ASN A 77 -15.96 9.37 4.21
CA ASN A 77 -16.58 8.71 5.36
C ASN A 77 -16.56 7.19 5.20
N GLN A 78 -15.75 6.72 4.27
CA GLN A 78 -15.61 5.30 4.02
C GLN A 78 -14.69 4.68 5.06
N GLU A 79 -15.04 3.48 5.49
CA GLU A 79 -14.29 2.78 6.51
C GLU A 79 -13.17 1.96 5.91
N ILE A 80 -11.93 2.27 6.30
CA ILE A 80 -10.83 1.39 5.95
C ILE A 80 -10.85 0.20 6.90
N THR A 81 -10.91 -0.99 6.35
CA THR A 81 -11.12 -2.17 7.17
C THR A 81 -9.85 -3.02 7.26
N ASP A 82 -8.72 -2.35 7.50
CA ASP A 82 -7.47 -3.03 7.74
C ASP A 82 -7.41 -3.51 9.17
N LEU A 83 -7.22 -4.79 9.32
CA LEU A 83 -7.21 -5.43 10.61
C LEU A 83 -6.23 -6.58 10.55
N LYS A 84 -4.96 -6.19 10.38
CA LYS A 84 -3.83 -7.12 10.27
C LYS A 84 -3.69 -7.59 8.83
N GLN A 85 -3.85 -6.66 7.91
CA GLN A 85 -3.68 -6.93 6.50
C GLN A 85 -2.37 -6.31 6.01
N PRO A 86 -1.78 -6.82 4.93
CA PRO A 86 -0.58 -6.23 4.36
C PRO A 86 -0.85 -4.87 3.74
N VAL A 87 0.13 -3.98 3.84
CA VAL A 87 0.01 -2.66 3.26
C VAL A 87 1.08 -2.44 2.20
N LEU A 88 0.74 -1.64 1.21
CA LEU A 88 1.61 -1.42 0.07
C LEU A 88 2.63 -0.33 0.40
N VAL A 89 3.90 -0.66 0.27
CA VAL A 89 4.96 0.25 0.64
C VAL A 89 5.67 0.79 -0.60
N SER A 90 5.70 2.10 -0.72
CA SER A 90 6.45 2.76 -1.77
C SER A 90 7.75 3.31 -1.20
N GLN A 91 8.82 3.19 -1.95
CA GLN A 91 10.14 3.61 -1.49
C GLN A 91 10.90 4.26 -2.63
N PRO A 92 10.58 5.53 -2.92
CA PRO A 92 11.14 6.26 -4.07
C PRO A 92 12.66 6.35 -4.05
N LYS A 93 13.27 5.81 -5.11
CA LYS A 93 14.73 5.87 -5.30
C LYS A 93 15.44 4.86 -4.41
N ARG A 94 15.39 3.60 -4.82
CA ARG A 94 16.02 2.52 -4.06
C ARG A 94 17.39 2.18 -4.63
N ARG A 95 18.34 1.99 -3.73
CA ARG A 95 19.72 1.62 -4.08
C ARG A 95 20.41 2.72 -4.90
N ARG A 96 19.88 3.93 -4.81
CA ARG A 96 20.50 5.08 -5.46
C ARG A 96 21.11 5.99 -4.42
N GLY A 97 20.28 6.47 -3.49
CA GLY A 97 20.77 7.28 -2.42
C GLY A 97 21.36 6.45 -1.30
N PRO A 98 22.38 6.96 -0.60
CA PRO A 98 23.06 6.22 0.47
C PRO A 98 22.12 5.81 1.59
N GLY A 99 21.19 6.68 1.92
CA GLY A 99 20.22 6.38 2.97
C GLY A 99 19.90 7.59 3.80
N GLY A 100 18.97 8.41 3.32
CA GLY A 100 18.56 9.58 4.06
C GLY A 100 17.13 9.96 3.75
N THR A 101 16.19 9.23 4.34
CA THR A 101 14.77 9.47 4.12
C THR A 101 14.29 10.67 4.90
N LEU A 102 14.25 11.83 4.24
CA LEU A 102 13.79 13.06 4.88
C LEU A 102 12.27 13.01 5.12
N PRO A 103 11.46 12.76 4.07
CA PRO A 103 10.01 12.63 4.24
C PRO A 103 9.62 11.24 4.76
N GLY A 104 10.30 10.22 4.26
CA GLY A 104 10.01 8.86 4.67
C GLY A 104 9.34 8.05 3.57
N PRO A 105 9.32 6.72 3.68
CA PRO A 105 8.64 5.84 2.73
C PRO A 105 7.13 5.83 2.95
N ALA A 106 6.37 6.06 1.89
CA ALA A 106 4.93 6.13 1.99
C ALA A 106 4.31 4.74 2.00
N MET A 107 3.52 4.46 3.02
CA MET A 107 2.78 3.21 3.10
C MET A 107 1.29 3.49 2.99
N LEU A 108 0.60 2.70 2.20
CA LEU A 108 -0.80 2.94 1.92
C LEU A 108 -1.62 1.66 2.02
N ILE A 109 -2.84 1.80 2.53
CA ILE A 109 -3.73 0.67 2.73
C ILE A 109 -4.25 0.15 1.38
N PRO A 110 -4.31 -1.19 1.22
CA PRO A 110 -4.74 -1.85 -0.02
C PRO A 110 -5.97 -1.23 -0.68
N GLU A 111 -7.00 -0.93 0.10
CA GLU A 111 -8.27 -0.45 -0.46
C GLU A 111 -8.14 0.96 -1.05
N LEU A 112 -7.05 1.64 -0.72
CA LEU A 112 -6.86 3.02 -1.16
C LEU A 112 -5.98 3.03 -2.39
N CYS A 113 -5.53 1.83 -2.74
CA CYS A 113 -4.67 1.62 -3.88
C CYS A 113 -5.40 0.77 -4.91
N TYR A 114 -5.40 1.24 -6.15
CA TYR A 114 -6.09 0.54 -7.22
C TYR A 114 -5.17 0.33 -8.41
N LEU A 115 -5.46 -0.66 -9.22
CA LEU A 115 -4.63 -0.96 -10.39
C LEU A 115 -4.93 0.03 -11.51
N THR A 116 -3.89 0.64 -12.06
CA THR A 116 -4.05 1.67 -13.09
C THR A 116 -4.20 1.05 -14.49
N GLY A 117 -3.80 -0.20 -14.64
CA GLY A 117 -3.94 -0.87 -15.91
C GLY A 117 -2.62 -1.35 -16.49
N LEU A 118 -1.53 -1.13 -15.76
CA LEU A 118 -0.20 -1.57 -16.19
C LEU A 118 0.01 -3.04 -15.83
N THR A 119 -1.09 -3.76 -15.61
CA THR A 119 -1.03 -5.16 -15.27
C THR A 119 -0.83 -6.01 -16.52
N ASP A 120 0.11 -6.94 -16.47
CA ASP A 120 0.39 -7.83 -17.58
C ASP A 120 -0.81 -8.73 -17.88
N ARG A 1 -7.68 -2.75 -17.50
CA ARG A 1 -8.71 -2.94 -16.45
C ARG A 1 -8.24 -2.37 -15.13
N SER A 2 -9.14 -1.74 -14.40
CA SER A 2 -8.79 -1.09 -13.16
C SER A 2 -9.51 -1.76 -12.00
N GLU A 3 -8.78 -2.53 -11.22
CA GLU A 3 -9.35 -3.19 -10.05
C GLU A 3 -8.41 -2.96 -8.87
N THR A 4 -8.87 -3.26 -7.67
CA THR A 4 -8.04 -3.07 -6.49
C THR A 4 -6.97 -4.16 -6.41
N VAL A 5 -5.88 -3.86 -5.71
CA VAL A 5 -4.81 -4.82 -5.50
C VAL A 5 -5.29 -5.96 -4.60
N LEU A 6 -6.23 -5.64 -3.73
CA LEU A 6 -6.79 -6.62 -2.80
C LEU A 6 -7.44 -7.79 -3.54
N ASP A 7 -8.20 -7.47 -4.59
CA ASP A 7 -8.88 -8.48 -5.39
C ASP A 7 -7.83 -9.30 -6.16
N PHE A 8 -6.82 -8.62 -6.65
CA PHE A 8 -5.75 -9.25 -7.41
C PHE A 8 -5.00 -10.27 -6.57
N MET A 9 -4.60 -9.87 -5.37
CA MET A 9 -3.85 -10.76 -4.48
C MET A 9 -4.73 -11.89 -3.95
N PHE A 10 -6.02 -11.59 -3.77
CA PHE A 10 -6.97 -12.60 -3.34
C PHE A 10 -7.10 -13.68 -4.41
N ASN A 11 -7.21 -13.24 -5.66
CA ASN A 11 -7.29 -14.14 -6.81
C ASN A 11 -6.03 -15.00 -6.91
N LEU A 12 -4.89 -14.42 -6.54
CA LEU A 12 -3.62 -15.14 -6.56
C LEU A 12 -3.61 -16.23 -5.49
N TYR A 13 -4.11 -15.89 -4.30
CA TYR A 13 -4.16 -16.85 -3.19
C TYR A 13 -5.09 -18.01 -3.51
N GLN A 14 -6.09 -17.76 -4.34
CA GLN A 14 -7.04 -18.79 -4.73
C GLN A 14 -6.38 -19.85 -5.61
N GLN A 15 -5.19 -19.55 -6.12
CA GLN A 15 -4.50 -20.47 -7.02
C GLN A 15 -3.08 -20.75 -6.55
N THR A 16 -2.70 -20.23 -5.38
CA THR A 16 -1.38 -20.48 -4.82
C THR A 16 -1.42 -20.48 -3.29
N GLU A 17 -0.72 -21.44 -2.68
CA GLU A 17 -0.67 -21.55 -1.22
C GLU A 17 -0.04 -20.32 -0.58
N GLU A 18 -0.52 -19.97 0.60
CA GLU A 18 -0.10 -18.77 1.31
C GLU A 18 1.42 -18.57 1.37
N HIS A 19 2.17 -19.64 1.63
CA HIS A 19 3.62 -19.50 1.80
C HIS A 19 4.34 -19.38 0.46
N LYS A 20 3.80 -20.00 -0.59
CA LYS A 20 4.38 -19.84 -1.93
C LYS A 20 3.79 -18.58 -2.57
N PHE A 21 2.61 -18.23 -2.10
CA PHE A 21 1.91 -17.03 -2.51
C PHE A 21 2.65 -15.81 -2.01
N GLN A 22 3.26 -15.94 -0.85
CA GLN A 22 4.07 -14.85 -0.30
C GLN A 22 5.20 -14.46 -1.26
N GLU A 23 5.95 -15.45 -1.73
CA GLU A 23 7.06 -15.20 -2.64
C GLU A 23 6.56 -14.85 -4.04
N GLN A 24 5.44 -15.44 -4.44
CA GLN A 24 4.88 -15.19 -5.75
C GLN A 24 4.34 -13.76 -5.82
N VAL A 25 3.63 -13.33 -4.78
CA VAL A 25 3.12 -11.96 -4.68
C VAL A 25 4.26 -10.95 -4.81
N SER A 26 5.38 -11.26 -4.19
CA SER A 26 6.54 -10.38 -4.23
C SER A 26 6.99 -10.14 -5.67
N LYS A 27 6.94 -11.19 -6.48
CA LYS A 27 7.31 -11.08 -7.89
C LYS A 27 6.25 -10.38 -8.73
N GLU A 28 4.98 -10.66 -8.46
CA GLU A 28 3.89 -10.20 -9.34
C GLU A 28 3.33 -8.84 -8.91
N LEU A 29 3.00 -8.71 -7.62
CA LEU A 29 2.34 -7.50 -7.13
C LEU A 29 3.34 -6.36 -7.00
N ILE A 30 4.58 -6.71 -6.70
CA ILE A 30 5.65 -5.74 -6.75
C ILE A 30 6.15 -5.65 -8.18
N GLY A 31 5.78 -4.57 -8.84
CA GLY A 31 6.05 -4.45 -10.26
C GLY A 31 4.80 -4.09 -11.05
N LEU A 32 3.77 -3.65 -10.34
CA LEU A 32 2.58 -3.11 -10.97
C LEU A 32 2.41 -1.66 -10.57
N ILE A 33 1.83 -0.85 -11.44
CA ILE A 33 1.61 0.54 -11.12
C ILE A 33 0.29 0.69 -10.37
N VAL A 34 0.34 1.35 -9.24
CA VAL A 34 -0.82 1.47 -8.37
C VAL A 34 -1.25 2.93 -8.24
N LEU A 35 -2.55 3.17 -8.16
CA LEU A 35 -3.05 4.52 -8.00
C LEU A 35 -4.10 4.57 -6.90
N THR A 36 -4.25 5.73 -6.29
CA THR A 36 -5.26 5.92 -5.26
C THR A 36 -6.43 6.73 -5.81
N LYS A 37 -7.60 6.09 -5.87
CA LYS A 37 -8.75 6.64 -6.59
C LYS A 37 -9.31 7.93 -5.99
N TYR A 38 -8.90 8.28 -4.78
CA TYR A 38 -9.46 9.47 -4.13
C TYR A 38 -8.86 10.75 -4.69
N ASN A 39 -7.77 10.63 -5.43
CA ASN A 39 -7.10 11.78 -6.03
C ASN A 39 -6.37 11.34 -7.29
N ASN A 40 -6.73 10.14 -7.76
CA ASN A 40 -6.06 9.45 -8.87
C ASN A 40 -4.55 9.64 -8.88
N LYS A 41 -3.96 9.66 -7.69
CA LYS A 41 -2.53 9.70 -7.54
C LYS A 41 -1.95 8.35 -7.87
N THR A 42 -0.67 8.32 -8.20
CA THR A 42 -0.06 7.11 -8.68
C THR A 42 1.32 6.89 -8.06
N TYR A 43 1.59 5.66 -7.66
CA TYR A 43 2.85 5.29 -7.01
C TYR A 43 3.32 3.93 -7.50
N ARG A 44 4.61 3.67 -7.34
CA ARG A 44 5.20 2.43 -7.81
C ARG A 44 5.59 1.56 -6.62
N VAL A 45 5.12 0.32 -6.59
CA VAL A 45 5.32 -0.55 -5.42
C VAL A 45 6.77 -1.00 -5.29
N ASP A 46 7.42 -0.57 -4.21
CA ASP A 46 8.79 -0.99 -3.92
C ASP A 46 8.79 -2.34 -3.20
N ASP A 47 8.00 -2.44 -2.15
CA ASP A 47 7.87 -3.69 -1.40
C ASP A 47 6.59 -3.71 -0.58
N ILE A 48 6.26 -4.87 -0.03
CA ILE A 48 5.02 -5.05 0.73
C ILE A 48 5.32 -5.41 2.17
N ASP A 49 4.62 -4.79 3.10
CA ASP A 49 4.78 -5.13 4.51
C ASP A 49 3.50 -5.73 5.07
N TRP A 50 3.65 -6.86 5.77
CA TRP A 50 2.49 -7.60 6.27
C TRP A 50 2.23 -7.28 7.73
N ASP A 51 0.98 -7.49 8.15
CA ASP A 51 0.54 -7.34 9.54
C ASP A 51 0.52 -5.88 9.98
N GLN A 52 0.16 -4.99 9.07
CA GLN A 52 -0.02 -3.59 9.43
C GLN A 52 -1.42 -3.37 9.98
N ASN A 53 -1.60 -2.32 10.76
CA ASN A 53 -2.92 -2.00 11.27
C ASN A 53 -3.19 -0.50 11.16
N PRO A 54 -4.48 -0.09 11.22
CA PRO A 54 -4.89 1.31 11.01
C PRO A 54 -4.40 2.28 12.09
N LYS A 55 -3.85 1.74 13.17
CA LYS A 55 -3.37 2.57 14.28
C LYS A 55 -2.05 3.26 13.94
N SER A 56 -1.50 2.93 12.77
CA SER A 56 -0.26 3.54 12.33
C SER A 56 -0.51 5.02 11.99
N THR A 57 0.38 5.88 12.47
CA THR A 57 0.20 7.31 12.31
C THR A 57 1.20 7.89 11.31
N PHE A 58 0.78 8.92 10.60
CA PHE A 58 1.65 9.62 9.68
C PHE A 58 1.50 11.13 9.88
N LYS A 59 2.25 11.91 9.10
CA LYS A 59 2.17 13.37 9.12
C LYS A 59 2.92 13.96 10.34
N LYS A 60 3.87 13.21 10.88
CA LYS A 60 4.69 13.74 11.96
C LYS A 60 5.78 14.67 11.42
N ALA A 61 5.66 15.04 10.14
CA ALA A 61 6.59 15.95 9.53
C ALA A 61 6.42 17.36 10.08
N ASP A 62 5.18 17.79 10.24
CA ASP A 62 4.89 19.11 10.77
C ASP A 62 4.54 19.05 12.26
N GLY A 63 3.93 17.94 12.69
CA GLY A 63 3.71 17.75 14.10
C GLY A 63 2.26 17.46 14.46
N SER A 64 1.51 16.88 13.53
CA SER A 64 0.16 16.42 13.82
C SER A 64 -0.03 14.99 13.33
N GLU A 65 -0.46 14.11 14.22
CA GLU A 65 -0.57 12.71 13.90
C GLU A 65 -2.00 12.32 13.58
N VAL A 66 -2.21 11.81 12.39
CA VAL A 66 -3.51 11.30 12.00
C VAL A 66 -3.36 9.88 11.48
N SER A 67 -4.29 9.02 11.88
CA SER A 67 -4.27 7.63 11.45
C SER A 67 -5.10 7.46 10.18
N PHE A 68 -4.89 6.32 9.50
CA PHE A 68 -5.61 5.99 8.27
C PHE A 68 -7.13 6.10 8.46
N LEU A 69 -7.59 5.71 9.64
CA LEU A 69 -9.02 5.67 9.95
C LEU A 69 -9.64 7.07 9.84
N GLU A 70 -9.04 8.05 10.49
CA GLU A 70 -9.60 9.40 10.44
C GLU A 70 -9.27 10.07 9.11
N TYR A 71 -8.18 9.64 8.49
CA TYR A 71 -7.79 10.19 7.19
C TYR A 71 -8.87 9.95 6.16
N TYR A 72 -9.43 8.74 6.12
CA TYR A 72 -10.49 8.47 5.17
C TYR A 72 -11.77 9.16 5.61
N ARG A 73 -11.97 9.24 6.93
CA ARG A 73 -13.18 9.85 7.50
C ARG A 73 -13.40 11.26 6.96
N LYS A 74 -12.31 11.99 6.76
CA LYS A 74 -12.37 13.34 6.21
C LYS A 74 -13.06 13.35 4.85
N GLN A 75 -12.75 12.35 4.04
CA GLN A 75 -13.17 12.32 2.65
C GLN A 75 -14.48 11.57 2.49
N TYR A 76 -14.51 10.38 3.06
CA TYR A 76 -15.68 9.50 2.98
C TYR A 76 -15.60 8.46 4.10
N ASN A 77 -16.75 8.05 4.58
CA ASN A 77 -16.83 7.13 5.72
C ASN A 77 -16.58 5.67 5.33
N GLN A 78 -16.02 5.44 4.14
CA GLN A 78 -15.73 4.07 3.72
C GLN A 78 -14.64 3.46 4.61
N GLU A 79 -14.94 2.29 5.16
CA GLU A 79 -14.11 1.69 6.20
C GLU A 79 -12.91 0.96 5.64
N ILE A 80 -11.75 1.24 6.23
CA ILE A 80 -10.56 0.45 5.96
C ILE A 80 -10.53 -0.70 6.96
N THR A 81 -10.15 -1.87 6.49
CA THR A 81 -10.14 -3.05 7.35
C THR A 81 -8.75 -3.71 7.30
N ASP A 82 -7.74 -2.89 7.56
CA ASP A 82 -6.36 -3.30 7.51
C ASP A 82 -5.91 -3.79 8.88
N LEU A 83 -6.50 -4.89 9.30
CA LEU A 83 -6.17 -5.51 10.56
C LEU A 83 -5.30 -6.73 10.32
N LYS A 84 -3.99 -6.49 10.35
CA LYS A 84 -2.98 -7.53 10.17
C LYS A 84 -2.85 -7.85 8.68
N GLN A 85 -3.23 -6.88 7.86
CA GLN A 85 -3.19 -7.04 6.43
C GLN A 85 -1.90 -6.45 5.88
N PRO A 86 -1.49 -6.84 4.67
CA PRO A 86 -0.32 -6.24 4.05
C PRO A 86 -0.62 -4.87 3.45
N VAL A 87 0.36 -3.98 3.53
CA VAL A 87 0.23 -2.65 2.97
C VAL A 87 1.33 -2.40 1.97
N LEU A 88 1.01 -1.60 0.96
CA LEU A 88 1.93 -1.33 -0.13
C LEU A 88 2.89 -0.22 0.24
N VAL A 89 4.18 -0.53 0.24
CA VAL A 89 5.20 0.42 0.65
C VAL A 89 5.96 0.96 -0.57
N SER A 90 6.21 2.25 -0.57
CA SER A 90 6.99 2.88 -1.64
C SER A 90 8.02 3.83 -1.03
N GLN A 91 9.24 3.76 -1.53
CA GLN A 91 10.34 4.57 -1.00
C GLN A 91 11.05 5.33 -2.12
N PRO A 92 10.60 6.56 -2.40
CA PRO A 92 11.17 7.37 -3.50
C PRO A 92 12.52 8.00 -3.15
N LYS A 93 13.15 7.51 -2.09
CA LYS A 93 14.46 8.01 -1.67
C LYS A 93 15.57 7.23 -2.39
N ARG A 94 15.38 7.07 -3.69
CA ARG A 94 16.19 6.16 -4.52
C ARG A 94 17.70 6.35 -4.35
N ARG A 95 18.18 7.58 -4.35
CA ARG A 95 19.62 7.82 -4.35
C ARG A 95 20.19 7.86 -2.93
N ARG A 96 19.38 7.53 -1.93
CA ARG A 96 19.84 7.55 -0.56
C ARG A 96 20.11 6.14 -0.05
N GLY A 97 19.18 5.24 -0.28
CA GLY A 97 19.36 3.86 0.15
C GLY A 97 18.06 3.22 0.59
N PRO A 98 18.08 1.92 0.90
CA PRO A 98 16.88 1.17 1.29
C PRO A 98 16.49 1.39 2.75
N GLY A 99 17.25 2.22 3.46
CA GLY A 99 16.95 2.49 4.84
C GLY A 99 18.15 3.02 5.60
N GLY A 100 18.05 3.00 6.92
CA GLY A 100 19.12 3.48 7.76
C GLY A 100 18.68 3.68 9.20
N THR A 101 18.00 4.78 9.45
CA THR A 101 17.47 5.07 10.77
C THR A 101 16.10 5.75 10.65
N LEU A 102 15.33 5.73 11.74
CA LEU A 102 13.97 6.25 11.75
C LEU A 102 13.08 5.48 10.77
N PRO A 103 12.42 4.41 11.23
CA PRO A 103 11.57 3.58 10.39
C PRO A 103 10.18 4.19 10.20
N GLY A 104 10.01 4.90 9.10
CA GLY A 104 8.71 5.48 8.78
C GLY A 104 8.49 5.56 7.28
N PRO A 105 8.27 4.43 6.61
CA PRO A 105 8.07 4.38 5.16
C PRO A 105 6.69 4.85 4.75
N ALA A 106 6.56 5.24 3.48
CA ALA A 106 5.26 5.59 2.93
C ALA A 106 4.47 4.33 2.63
N MET A 107 3.50 4.05 3.47
CA MET A 107 2.71 2.84 3.36
C MET A 107 1.28 3.19 3.02
N LEU A 108 0.69 2.42 2.12
CA LEU A 108 -0.66 2.70 1.68
C LEU A 108 -1.57 1.50 1.84
N ILE A 109 -2.75 1.77 2.39
CA ILE A 109 -3.76 0.75 2.64
C ILE A 109 -4.17 0.05 1.34
N PRO A 110 -4.13 -1.30 1.34
CA PRO A 110 -4.34 -2.11 0.13
C PRO A 110 -5.64 -1.78 -0.61
N GLU A 111 -6.72 -1.58 0.13
CA GLU A 111 -8.02 -1.36 -0.47
C GLU A 111 -8.11 0.02 -1.10
N LEU A 112 -7.18 0.88 -0.74
CA LEU A 112 -7.18 2.26 -1.20
C LEU A 112 -6.27 2.34 -2.41
N CYS A 113 -5.70 1.20 -2.74
CA CYS A 113 -4.83 1.09 -3.88
C CYS A 113 -5.53 0.33 -5.00
N TYR A 114 -5.51 0.92 -6.17
CA TYR A 114 -6.15 0.35 -7.34
C TYR A 114 -5.15 0.29 -8.49
N LEU A 115 -5.50 -0.43 -9.55
CA LEU A 115 -4.60 -0.57 -10.70
C LEU A 115 -4.78 0.60 -11.67
N THR A 116 -3.66 1.19 -12.07
CA THR A 116 -3.68 2.33 -12.98
C THR A 116 -3.78 1.87 -14.44
N GLY A 117 -3.28 0.67 -14.72
CA GLY A 117 -3.30 0.18 -16.09
C GLY A 117 -2.12 0.66 -16.91
N LEU A 118 -1.15 1.29 -16.25
CA LEU A 118 0.06 1.76 -16.92
C LEU A 118 1.04 0.60 -17.07
N THR A 119 0.86 -0.42 -16.25
CA THR A 119 1.72 -1.60 -16.25
C THR A 119 1.50 -2.41 -17.54
N ASP A 120 0.34 -2.23 -18.17
CA ASP A 120 0.01 -2.94 -19.40
C ASP A 120 0.58 -2.20 -20.61
N ARG A 1 -8.77 0.12 -16.00
CA ARG A 1 -9.24 -1.18 -15.47
C ARG A 1 -8.81 -1.34 -14.02
N SER A 2 -9.73 -1.03 -13.12
CA SER A 2 -9.40 -0.94 -11.70
C SER A 2 -9.72 -2.25 -10.98
N GLU A 3 -8.66 -2.97 -10.63
CA GLU A 3 -8.79 -4.14 -9.76
C GLU A 3 -8.05 -3.83 -8.47
N THR A 4 -8.65 -4.17 -7.34
CA THR A 4 -8.09 -3.81 -6.05
C THR A 4 -7.02 -4.82 -5.62
N VAL A 5 -6.13 -4.37 -4.75
CA VAL A 5 -5.01 -5.18 -4.29
C VAL A 5 -5.51 -6.41 -3.55
N LEU A 6 -6.59 -6.24 -2.79
CA LEU A 6 -7.16 -7.31 -1.98
C LEU A 6 -7.70 -8.42 -2.88
N ASP A 7 -8.43 -8.03 -3.92
CA ASP A 7 -9.00 -8.99 -4.85
C ASP A 7 -7.89 -9.72 -5.60
N PHE A 8 -6.89 -8.97 -6.05
CA PHE A 8 -5.80 -9.53 -6.81
C PHE A 8 -5.04 -10.59 -6.01
N MET A 9 -4.73 -10.28 -4.75
CA MET A 9 -3.98 -11.21 -3.91
C MET A 9 -4.83 -12.44 -3.58
N PHE A 10 -6.14 -12.26 -3.47
CA PHE A 10 -7.03 -13.39 -3.20
C PHE A 10 -7.15 -14.27 -4.44
N ASN A 11 -7.25 -13.63 -5.60
CA ASN A 11 -7.26 -14.33 -6.88
C ASN A 11 -5.98 -15.14 -7.06
N LEU A 12 -4.87 -14.59 -6.56
CA LEU A 12 -3.60 -15.29 -6.62
C LEU A 12 -3.61 -16.47 -5.63
N TYR A 13 -4.12 -16.22 -4.44
CA TYR A 13 -4.15 -17.19 -3.37
C TYR A 13 -4.91 -18.46 -3.76
N GLN A 14 -6.08 -18.30 -4.36
CA GLN A 14 -6.95 -19.45 -4.64
C GLN A 14 -6.41 -20.33 -5.78
N GLN A 15 -5.29 -19.93 -6.37
CA GLN A 15 -4.66 -20.74 -7.41
C GLN A 15 -3.18 -21.03 -7.09
N THR A 16 -2.75 -20.67 -5.89
CA THR A 16 -1.35 -20.83 -5.50
C THR A 16 -1.25 -21.40 -4.08
N GLU A 17 -0.11 -21.96 -3.73
CA GLU A 17 0.11 -22.50 -2.42
C GLU A 17 0.28 -21.37 -1.42
N GLU A 18 -0.40 -21.46 -0.28
CA GLU A 18 -0.50 -20.35 0.67
C GLU A 18 0.85 -19.77 1.08
N HIS A 19 1.81 -20.62 1.44
CA HIS A 19 3.08 -20.13 1.95
C HIS A 19 4.03 -19.77 0.82
N LYS A 20 3.80 -20.31 -0.37
CA LYS A 20 4.63 -19.98 -1.53
C LYS A 20 4.08 -18.74 -2.24
N PHE A 21 2.78 -18.55 -2.08
CA PHE A 21 2.09 -17.36 -2.57
C PHE A 21 2.51 -16.16 -1.75
N GLN A 22 2.85 -16.39 -0.50
CA GLN A 22 3.37 -15.32 0.36
C GLN A 22 4.67 -14.75 -0.22
N GLU A 23 5.49 -15.61 -0.83
CA GLU A 23 6.67 -15.14 -1.57
C GLU A 23 6.25 -14.52 -2.91
N GLN A 24 5.40 -15.25 -3.64
CA GLN A 24 5.01 -14.88 -5.00
C GLN A 24 4.41 -13.47 -5.06
N VAL A 25 3.62 -13.15 -4.04
CA VAL A 25 2.95 -11.85 -3.96
C VAL A 25 3.95 -10.69 -4.09
N SER A 26 5.11 -10.85 -3.46
CA SER A 26 6.13 -9.82 -3.49
C SER A 26 6.58 -9.54 -4.93
N LYS A 27 6.80 -10.61 -5.69
CA LYS A 27 7.27 -10.49 -7.07
C LYS A 27 6.20 -9.91 -7.98
N GLU A 28 4.96 -10.33 -7.76
CA GLU A 28 3.86 -9.98 -8.66
C GLU A 28 3.36 -8.56 -8.45
N LEU A 29 3.70 -7.94 -7.33
CA LEU A 29 3.20 -6.60 -7.04
C LEU A 29 4.28 -5.53 -7.15
N ILE A 30 5.49 -5.84 -6.70
CA ILE A 30 6.58 -4.86 -6.71
C ILE A 30 7.02 -4.50 -8.12
N GLY A 31 7.02 -3.21 -8.42
CA GLY A 31 7.41 -2.73 -9.74
C GLY A 31 6.22 -2.28 -10.56
N LEU A 32 5.06 -2.81 -10.23
CA LEU A 32 3.82 -2.53 -10.97
C LEU A 32 3.34 -1.11 -10.72
N ILE A 33 2.57 -0.59 -11.67
CA ILE A 33 2.07 0.78 -11.59
C ILE A 33 0.67 0.81 -11.00
N VAL A 34 0.48 1.70 -10.04
CA VAL A 34 -0.76 1.78 -9.28
C VAL A 34 -1.25 3.23 -9.24
N LEU A 35 -2.47 3.44 -8.77
CA LEU A 35 -2.99 4.77 -8.54
C LEU A 35 -3.68 4.78 -7.18
N THR A 36 -3.94 5.96 -6.64
CA THR A 36 -4.59 6.06 -5.34
C THR A 36 -6.06 5.62 -5.41
N LYS A 37 -6.97 6.58 -5.63
CA LYS A 37 -8.39 6.28 -5.77
C LYS A 37 -9.19 7.57 -5.98
N TYR A 38 -9.48 8.28 -4.89
CA TYR A 38 -10.31 9.47 -4.96
C TYR A 38 -9.55 10.67 -5.55
N ASN A 39 -8.26 10.76 -5.24
CA ASN A 39 -7.45 11.86 -5.74
C ASN A 39 -6.84 11.49 -7.09
N ASN A 40 -7.11 10.24 -7.50
CA ASN A 40 -6.69 9.67 -8.80
C ASN A 40 -5.22 9.88 -9.15
N LYS A 41 -4.39 10.14 -8.15
CA LYS A 41 -2.95 10.24 -8.38
C LYS A 41 -2.34 8.87 -8.62
N THR A 42 -1.09 8.87 -9.03
CA THR A 42 -0.41 7.64 -9.40
C THR A 42 0.66 7.27 -8.37
N TYR A 43 1.02 6.00 -8.31
CA TYR A 43 2.09 5.51 -7.45
C TYR A 43 2.54 4.14 -7.92
N ARG A 44 3.64 3.64 -7.39
CA ARG A 44 4.14 2.33 -7.76
C ARG A 44 4.49 1.52 -6.52
N VAL A 45 4.25 0.23 -6.57
CA VAL A 45 4.58 -0.66 -5.46
C VAL A 45 6.07 -0.92 -5.41
N ASP A 46 6.75 -0.34 -4.45
CA ASP A 46 8.19 -0.49 -4.32
C ASP A 46 8.53 -1.56 -3.30
N ASP A 47 7.70 -1.68 -2.27
CA ASP A 47 7.94 -2.63 -1.20
C ASP A 47 6.61 -3.06 -0.58
N ILE A 48 6.62 -4.16 0.15
CA ILE A 48 5.40 -4.68 0.78
C ILE A 48 5.67 -5.07 2.22
N ASP A 49 4.82 -4.63 3.14
CA ASP A 49 4.91 -5.09 4.50
C ASP A 49 3.66 -5.86 4.89
N TRP A 50 3.83 -6.92 5.65
CA TRP A 50 2.75 -7.85 5.93
C TRP A 50 2.22 -7.71 7.35
N ASP A 51 0.92 -7.97 7.51
CA ASP A 51 0.29 -8.16 8.82
C ASP A 51 0.36 -6.93 9.71
N GLN A 52 0.26 -5.74 9.13
CA GLN A 52 0.27 -4.53 9.94
C GLN A 52 -1.18 -4.08 10.20
N ASN A 53 -1.37 -3.05 11.02
CA ASN A 53 -2.71 -2.58 11.33
C ASN A 53 -2.81 -1.06 11.22
N PRO A 54 -4.01 -0.56 10.86
CA PRO A 54 -4.27 0.87 10.59
C PRO A 54 -3.93 1.82 11.74
N LYS A 55 -3.64 1.26 12.90
CA LYS A 55 -3.31 2.04 14.09
C LYS A 55 -1.91 2.68 13.98
N SER A 56 -1.25 2.43 12.85
CA SER A 56 0.05 3.01 12.59
C SER A 56 -0.06 4.51 12.36
N THR A 57 0.88 5.26 12.91
CA THR A 57 0.88 6.71 12.79
C THR A 57 2.00 7.20 11.88
N PHE A 58 1.65 8.03 10.91
CA PHE A 58 2.63 8.64 10.04
C PHE A 58 2.80 10.12 10.39
N LYS A 59 4.02 10.62 10.26
CA LYS A 59 4.32 12.00 10.60
C LYS A 59 4.07 12.91 9.40
N LYS A 60 2.93 13.58 9.38
CA LYS A 60 2.60 14.48 8.28
C LYS A 60 3.08 15.90 8.57
N ALA A 61 3.65 16.09 9.77
CA ALA A 61 4.23 17.39 10.14
C ALA A 61 5.23 17.23 11.29
N ASP A 62 5.58 15.98 11.58
CA ASP A 62 6.40 15.63 12.76
C ASP A 62 5.99 16.46 13.97
N GLY A 63 4.91 16.04 14.60
CA GLY A 63 4.35 16.79 15.71
C GLY A 63 2.87 16.53 15.81
N SER A 64 2.27 16.24 14.67
CA SER A 64 0.90 15.76 14.62
C SER A 64 0.92 14.31 14.15
N GLU A 65 0.33 13.44 14.94
CA GLU A 65 0.34 12.01 14.66
C GLU A 65 -1.04 11.54 14.24
N VAL A 66 -1.15 11.15 12.99
CA VAL A 66 -2.42 10.74 12.43
C VAL A 66 -2.29 9.35 11.79
N SER A 67 -3.34 8.57 11.91
CA SER A 67 -3.40 7.24 11.31
C SER A 67 -4.22 7.26 10.02
N PHE A 68 -4.30 6.11 9.35
CA PHE A 68 -5.10 5.97 8.13
C PHE A 68 -6.54 6.41 8.37
N LEU A 69 -7.12 5.89 9.44
CA LEU A 69 -8.55 6.07 9.72
C LEU A 69 -8.89 7.55 9.90
N GLU A 70 -8.09 8.25 10.69
CA GLU A 70 -8.34 9.66 10.96
C GLU A 70 -8.19 10.50 9.71
N TYR A 71 -7.28 10.13 8.83
CA TYR A 71 -7.10 10.84 7.58
C TYR A 71 -8.26 10.57 6.63
N TYR A 72 -8.58 9.29 6.46
CA TYR A 72 -9.59 8.85 5.51
C TYR A 72 -10.94 9.49 5.79
N ARG A 73 -11.35 9.44 7.05
CA ARG A 73 -12.70 9.88 7.44
C ARG A 73 -12.92 11.35 7.13
N LYS A 74 -11.88 12.17 7.34
CA LYS A 74 -11.99 13.60 7.09
C LYS A 74 -12.28 13.88 5.62
N GLN A 75 -11.82 12.99 4.74
CA GLN A 75 -12.02 13.13 3.32
C GLN A 75 -13.31 12.45 2.91
N TYR A 76 -13.46 11.21 3.34
CA TYR A 76 -14.66 10.44 3.07
C TYR A 76 -14.98 9.52 4.25
N ASN A 77 -16.25 9.29 4.46
CA ASN A 77 -16.75 8.48 5.58
C ASN A 77 -16.47 6.98 5.37
N GLN A 78 -15.57 6.67 4.45
CA GLN A 78 -15.28 5.28 4.12
C GLN A 78 -14.52 4.60 5.25
N GLU A 79 -14.94 3.39 5.59
CA GLU A 79 -14.30 2.61 6.64
C GLU A 79 -13.20 1.76 6.04
N ILE A 80 -11.96 2.02 6.44
CA ILE A 80 -10.83 1.25 5.94
C ILE A 80 -10.87 -0.16 6.52
N THR A 81 -10.94 -1.13 5.63
CA THR A 81 -11.01 -2.52 6.03
C THR A 81 -9.69 -3.22 5.78
N ASP A 82 -8.82 -3.14 6.77
CA ASP A 82 -7.53 -3.79 6.71
C ASP A 82 -7.39 -4.74 7.89
N LEU A 83 -6.74 -4.26 8.94
CA LEU A 83 -6.66 -4.97 10.21
C LEU A 83 -5.89 -6.27 10.09
N LYS A 84 -4.58 -6.15 10.26
CA LYS A 84 -3.67 -7.30 10.29
C LYS A 84 -3.42 -7.82 8.88
N GLN A 85 -3.75 -6.97 7.92
CA GLN A 85 -3.47 -7.24 6.51
C GLN A 85 -2.17 -6.57 6.10
N PRO A 86 -1.55 -7.02 4.99
CA PRO A 86 -0.36 -6.37 4.44
C PRO A 86 -0.68 -5.02 3.79
N VAL A 87 0.24 -4.09 3.90
CA VAL A 87 0.07 -2.77 3.31
C VAL A 87 1.15 -2.52 2.26
N LEU A 88 0.87 -1.60 1.34
CA LEU A 88 1.77 -1.33 0.23
C LEU A 88 2.67 -0.15 0.55
N VAL A 89 3.97 -0.39 0.50
CA VAL A 89 4.96 0.63 0.80
C VAL A 89 5.59 1.16 -0.49
N SER A 90 5.64 2.47 -0.61
CA SER A 90 6.30 3.12 -1.72
C SER A 90 7.58 3.77 -1.23
N GLN A 91 8.62 3.68 -2.04
CA GLN A 91 9.95 4.16 -1.66
C GLN A 91 10.45 3.47 -0.40
N PRO A 92 11.17 2.34 -0.56
CA PRO A 92 11.66 1.53 0.56
C PRO A 92 12.85 2.19 1.29
N LYS A 93 12.81 3.51 1.36
CA LYS A 93 13.90 4.30 1.92
C LYS A 93 14.13 3.96 3.39
N ARG A 94 13.06 3.98 4.18
CA ARG A 94 13.12 3.71 5.63
C ARG A 94 14.05 4.71 6.34
N ARG A 95 14.44 5.77 5.64
CA ARG A 95 15.43 6.74 6.14
C ARG A 95 16.80 6.06 6.30
N ARG A 96 16.89 4.81 5.89
CA ARG A 96 18.14 4.06 5.98
C ARG A 96 18.96 4.31 4.73
N GLY A 97 18.26 4.57 3.63
CA GLY A 97 18.91 4.92 2.41
C GLY A 97 19.30 6.39 2.39
N PRO A 98 20.37 6.75 1.65
CA PRO A 98 20.84 8.14 1.56
C PRO A 98 19.79 9.07 0.95
N GLY A 99 19.40 10.08 1.71
CA GLY A 99 18.46 11.08 1.24
C GLY A 99 18.49 12.31 2.11
N GLY A 100 18.67 12.12 3.40
CA GLY A 100 18.79 13.22 4.34
C GLY A 100 17.45 13.84 4.68
N THR A 101 16.86 14.54 3.72
CA THR A 101 15.64 15.28 3.95
C THR A 101 14.40 14.46 3.62
N LEU A 102 13.91 13.72 4.61
CA LEU A 102 12.67 12.94 4.46
C LEU A 102 12.26 12.36 5.80
N PRO A 103 10.95 12.26 6.07
CA PRO A 103 10.43 11.66 7.30
C PRO A 103 10.69 10.16 7.35
N GLY A 104 10.05 9.43 6.44
CA GLY A 104 10.21 7.99 6.41
C GLY A 104 9.62 7.42 5.13
N PRO A 105 9.43 6.09 5.06
CA PRO A 105 8.84 5.44 3.90
C PRO A 105 7.33 5.65 3.83
N ALA A 106 6.79 5.69 2.63
CA ALA A 106 5.36 5.91 2.44
C ALA A 106 4.59 4.61 2.45
N MET A 107 3.57 4.53 3.28
CA MET A 107 2.76 3.33 3.35
C MET A 107 1.31 3.64 3.03
N LEU A 108 0.69 2.77 2.24
CA LEU A 108 -0.68 2.99 1.79
C LEU A 108 -1.48 1.71 1.93
N ILE A 109 -2.72 1.85 2.37
CA ILE A 109 -3.61 0.71 2.56
C ILE A 109 -4.09 0.20 1.20
N PRO A 110 -4.22 -1.13 1.03
CA PRO A 110 -4.62 -1.75 -0.25
C PRO A 110 -5.78 -1.07 -0.98
N GLU A 111 -6.74 -0.54 -0.23
CA GLU A 111 -7.91 0.09 -0.85
C GLU A 111 -7.58 1.45 -1.44
N LEU A 112 -6.43 1.98 -1.08
CA LEU A 112 -6.00 3.28 -1.57
C LEU A 112 -5.03 3.07 -2.72
N CYS A 113 -5.06 1.86 -3.25
CA CYS A 113 -4.30 1.53 -4.42
C CYS A 113 -5.17 0.76 -5.42
N TYR A 114 -5.19 1.25 -6.64
CA TYR A 114 -5.97 0.64 -7.71
C TYR A 114 -5.20 0.67 -9.02
N LEU A 115 -5.44 -0.30 -9.87
CA LEU A 115 -4.71 -0.42 -11.11
C LEU A 115 -5.25 0.54 -12.16
N THR A 116 -4.40 1.42 -12.66
CA THR A 116 -4.78 2.32 -13.73
C THR A 116 -4.79 1.58 -15.07
N GLY A 117 -3.99 0.54 -15.16
CA GLY A 117 -3.84 -0.17 -16.43
C GLY A 117 -2.57 0.27 -17.14
N LEU A 118 -1.59 0.70 -16.37
CA LEU A 118 -0.31 1.15 -16.93
C LEU A 118 0.69 0.00 -16.91
N THR A 119 0.16 -1.20 -16.70
CA THR A 119 0.98 -2.39 -16.60
C THR A 119 1.36 -2.91 -17.99
N ASP A 120 0.54 -2.59 -18.98
CA ASP A 120 0.76 -3.05 -20.33
C ASP A 120 1.43 -1.96 -21.17
N ARG A 1 -10.07 0.64 -16.15
CA ARG A 1 -10.07 -0.70 -15.49
C ARG A 1 -9.31 -0.61 -14.19
N SER A 2 -10.03 -0.39 -13.09
CA SER A 2 -9.41 -0.19 -11.80
C SER A 2 -10.05 -1.05 -10.73
N GLU A 3 -9.28 -1.99 -10.20
CA GLU A 3 -9.75 -2.89 -9.16
C GLU A 3 -8.81 -2.81 -7.97
N THR A 4 -9.26 -3.26 -6.81
CA THR A 4 -8.48 -3.11 -5.58
C THR A 4 -7.44 -4.22 -5.44
N VAL A 5 -6.47 -3.96 -4.56
CA VAL A 5 -5.38 -4.89 -4.32
C VAL A 5 -5.90 -6.16 -3.64
N LEU A 6 -6.95 -6.00 -2.85
CA LEU A 6 -7.49 -7.08 -2.03
C LEU A 6 -7.95 -8.23 -2.92
N ASP A 7 -8.75 -7.94 -3.94
CA ASP A 7 -9.25 -8.98 -4.84
C ASP A 7 -8.13 -9.67 -5.58
N PHE A 8 -7.07 -8.92 -5.90
CA PHE A 8 -5.92 -9.49 -6.61
C PHE A 8 -5.24 -10.58 -5.77
N MET A 9 -4.94 -10.26 -4.52
CA MET A 9 -4.27 -11.21 -3.64
C MET A 9 -5.20 -12.34 -3.25
N PHE A 10 -6.50 -12.03 -3.15
CA PHE A 10 -7.51 -13.05 -2.84
C PHE A 10 -7.56 -14.07 -3.96
N ASN A 11 -7.65 -13.59 -5.19
CA ASN A 11 -7.65 -14.44 -6.38
C ASN A 11 -6.39 -15.29 -6.45
N LEU A 12 -5.26 -14.62 -6.33
CA LEU A 12 -3.95 -15.28 -6.37
C LEU A 12 -3.85 -16.38 -5.30
N TYR A 13 -4.40 -16.12 -4.12
CA TYR A 13 -4.33 -17.05 -3.00
C TYR A 13 -5.00 -18.37 -3.35
N GLN A 14 -6.10 -18.30 -4.08
CA GLN A 14 -6.93 -19.48 -4.33
C GLN A 14 -6.35 -20.35 -5.44
N GLN A 15 -5.30 -19.89 -6.10
CA GLN A 15 -4.70 -20.65 -7.19
C GLN A 15 -3.21 -20.90 -6.94
N THR A 16 -2.72 -20.43 -5.80
CA THR A 16 -1.30 -20.54 -5.49
C THR A 16 -1.10 -21.11 -4.09
N GLU A 17 0.09 -21.66 -3.85
CA GLU A 17 0.46 -22.11 -2.52
C GLU A 17 0.67 -20.92 -1.60
N GLU A 18 -0.14 -20.84 -0.54
CA GLU A 18 -0.11 -19.69 0.38
C GLU A 18 1.29 -19.36 0.90
N HIS A 19 2.15 -20.37 1.04
CA HIS A 19 3.50 -20.13 1.56
C HIS A 19 4.39 -19.49 0.49
N LYS A 20 4.25 -19.94 -0.75
CA LYS A 20 5.02 -19.36 -1.86
C LYS A 20 4.33 -18.12 -2.38
N PHE A 21 3.03 -18.08 -2.14
CA PHE A 21 2.21 -16.90 -2.40
C PHE A 21 2.82 -15.69 -1.74
N GLN A 22 3.36 -15.88 -0.55
CA GLN A 22 4.01 -14.78 0.16
C GLN A 22 5.19 -14.23 -0.64
N GLU A 23 6.00 -15.13 -1.17
CA GLU A 23 7.15 -14.74 -1.98
C GLU A 23 6.69 -14.24 -3.35
N GLN A 24 5.69 -14.90 -3.93
CA GLN A 24 5.20 -14.57 -5.27
C GLN A 24 4.49 -13.23 -5.31
N VAL A 25 3.81 -12.86 -4.23
CA VAL A 25 3.22 -11.54 -4.12
C VAL A 25 4.30 -10.48 -4.29
N SER A 26 5.44 -10.71 -3.64
CA SER A 26 6.58 -9.82 -3.76
C SER A 26 7.15 -9.86 -5.17
N LYS A 27 7.11 -11.05 -5.77
CA LYS A 27 7.62 -11.25 -7.13
C LYS A 27 6.81 -10.49 -8.16
N GLU A 28 5.49 -10.59 -8.08
CA GLU A 28 4.62 -10.04 -9.11
C GLU A 28 4.27 -8.58 -8.84
N LEU A 29 3.94 -8.26 -7.59
CA LEU A 29 3.47 -6.92 -7.24
C LEU A 29 4.55 -5.86 -7.40
N ILE A 30 5.79 -6.22 -7.12
CA ILE A 30 6.89 -5.26 -7.23
C ILE A 30 7.13 -4.88 -8.69
N GLY A 31 6.74 -3.67 -9.01
CA GLY A 31 6.87 -3.19 -10.37
C GLY A 31 5.55 -2.63 -10.89
N LEU A 32 4.48 -3.37 -10.64
CA LEU A 32 3.14 -3.00 -11.10
C LEU A 32 2.76 -1.63 -10.57
N ILE A 33 2.16 -0.82 -11.42
CA ILE A 33 1.79 0.53 -11.04
C ILE A 33 0.40 0.54 -10.39
N VAL A 34 0.29 1.27 -9.30
CA VAL A 34 -0.96 1.37 -8.57
C VAL A 34 -1.29 2.84 -8.34
N LEU A 35 -2.56 3.19 -8.38
CA LEU A 35 -2.96 4.58 -8.21
C LEU A 35 -3.73 4.75 -6.90
N THR A 36 -3.86 5.98 -6.43
CA THR A 36 -4.63 6.26 -5.24
C THR A 36 -5.97 6.88 -5.62
N LYS A 37 -7.03 6.40 -5.00
CA LYS A 37 -8.39 6.78 -5.39
C LYS A 37 -8.72 8.24 -5.06
N TYR A 38 -7.98 8.84 -4.13
CA TYR A 38 -8.35 10.17 -3.63
C TYR A 38 -7.92 11.28 -4.58
N ASN A 39 -6.81 11.08 -5.28
CA ASN A 39 -6.26 12.14 -6.12
C ASN A 39 -5.83 11.56 -7.48
N ASN A 40 -6.03 10.26 -7.64
CA ASN A 40 -5.61 9.54 -8.84
C ASN A 40 -4.10 9.58 -8.98
N LYS A 41 -3.43 9.87 -7.86
CA LYS A 41 -1.98 9.88 -7.81
C LYS A 41 -1.44 8.51 -8.13
N THR A 42 -0.24 8.44 -8.64
CA THR A 42 0.31 7.17 -9.05
C THR A 42 1.53 6.81 -8.22
N TYR A 43 1.68 5.51 -7.98
CA TYR A 43 2.83 4.97 -7.28
C TYR A 43 3.06 3.54 -7.76
N ARG A 44 4.19 2.96 -7.40
CA ARG A 44 4.46 1.57 -7.72
C ARG A 44 4.69 0.79 -6.44
N VAL A 45 4.30 -0.47 -6.43
CA VAL A 45 4.66 -1.34 -5.32
C VAL A 45 6.15 -1.68 -5.44
N ASP A 46 6.95 -1.11 -4.56
CA ASP A 46 8.37 -1.39 -4.55
C ASP A 46 8.69 -2.38 -3.44
N ASP A 47 7.84 -2.40 -2.41
CA ASP A 47 7.97 -3.34 -1.31
C ASP A 47 6.61 -3.53 -0.63
N ILE A 48 6.41 -4.69 0.00
CA ILE A 48 5.15 -4.98 0.68
C ILE A 48 5.39 -5.20 2.16
N ASP A 49 4.64 -4.49 3.00
CA ASP A 49 4.73 -4.69 4.44
C ASP A 49 3.54 -5.53 4.90
N TRP A 50 3.82 -6.63 5.57
CA TRP A 50 2.80 -7.62 5.90
C TRP A 50 2.28 -7.45 7.33
N ASP A 51 1.00 -7.78 7.51
CA ASP A 51 0.37 -7.79 8.83
C ASP A 51 0.42 -6.42 9.50
N GLN A 52 0.04 -5.41 8.76
CA GLN A 52 -0.01 -4.05 9.29
C GLN A 52 -1.42 -3.73 9.75
N ASN A 53 -1.58 -2.63 10.49
CA ASN A 53 -2.91 -2.21 10.92
C ASN A 53 -3.10 -0.70 10.77
N PRO A 54 -4.36 -0.25 10.59
CA PRO A 54 -4.69 1.17 10.38
C PRO A 54 -4.43 2.02 11.62
N LYS A 55 -4.17 1.37 12.74
CA LYS A 55 -3.89 2.06 14.00
C LYS A 55 -2.47 2.62 13.99
N SER A 56 -1.73 2.39 12.91
CA SER A 56 -0.43 3.00 12.71
C SER A 56 -0.62 4.49 12.45
N THR A 57 0.24 5.31 13.03
CA THR A 57 0.08 6.75 12.93
C THR A 57 1.13 7.38 12.02
N PHE A 58 0.65 8.12 11.04
CA PHE A 58 1.53 8.83 10.11
C PHE A 58 1.25 10.32 10.22
N LYS A 59 2.28 11.14 10.02
CA LYS A 59 2.11 12.58 10.08
C LYS A 59 3.34 13.29 9.52
N LYS A 60 3.13 14.48 9.01
CA LYS A 60 4.23 15.34 8.60
C LYS A 60 4.42 16.44 9.64
N ALA A 61 5.67 16.81 9.90
CA ALA A 61 6.02 17.90 10.83
C ALA A 61 5.80 17.53 12.29
N ASP A 62 5.38 16.28 12.52
CA ASP A 62 5.13 15.75 13.87
C ASP A 62 4.33 16.73 14.73
N GLY A 63 3.03 16.76 14.52
CA GLY A 63 2.16 17.60 15.32
C GLY A 63 1.12 16.80 16.07
N SER A 64 0.19 16.23 15.32
CA SER A 64 -0.84 15.36 15.88
C SER A 64 -0.83 14.03 15.17
N GLU A 65 -0.78 12.95 15.93
CA GLU A 65 -0.73 11.61 15.36
C GLU A 65 -2.11 11.19 14.87
N VAL A 66 -2.23 11.06 13.56
CA VAL A 66 -3.46 10.54 12.97
C VAL A 66 -3.20 9.15 12.38
N SER A 67 -4.14 8.26 12.61
CA SER A 67 -4.05 6.91 12.07
C SER A 67 -4.66 6.87 10.67
N PHE A 68 -4.49 5.76 9.98
CA PHE A 68 -5.04 5.61 8.63
C PHE A 68 -6.54 5.93 8.61
N LEU A 69 -7.27 5.31 9.53
CA LEU A 69 -8.72 5.45 9.59
C LEU A 69 -9.11 6.84 10.06
N GLU A 70 -8.33 7.38 11.00
CA GLU A 70 -8.61 8.69 11.58
C GLU A 70 -8.56 9.78 10.51
N TYR A 71 -7.48 9.78 9.71
CA TYR A 71 -7.30 10.79 8.68
C TYR A 71 -8.23 10.54 7.52
N TYR A 72 -8.48 9.27 7.22
CA TYR A 72 -9.27 8.91 6.07
C TYR A 72 -10.68 9.46 6.15
N ARG A 73 -11.28 9.38 7.33
CA ARG A 73 -12.65 9.85 7.55
C ARG A 73 -12.81 11.30 7.10
N LYS A 74 -11.76 12.09 7.30
CA LYS A 74 -11.75 13.49 6.90
C LYS A 74 -11.97 13.65 5.39
N GLN A 75 -11.33 12.81 4.61
CA GLN A 75 -11.37 12.95 3.15
C GLN A 75 -12.54 12.17 2.58
N TYR A 76 -12.77 10.98 3.13
CA TYR A 76 -13.86 10.14 2.72
C TYR A 76 -14.45 9.44 3.94
N ASN A 77 -15.73 9.22 3.88
CA ASN A 77 -16.43 8.49 4.94
C ASN A 77 -16.32 6.99 4.67
N GLN A 78 -15.40 6.63 3.77
CA GLN A 78 -15.15 5.24 3.42
C GLN A 78 -14.41 4.53 4.54
N GLU A 79 -14.93 3.39 4.95
CA GLU A 79 -14.34 2.63 6.02
C GLU A 79 -13.23 1.74 5.48
N ILE A 80 -11.98 2.02 5.85
CA ILE A 80 -10.88 1.19 5.43
C ILE A 80 -10.82 -0.06 6.30
N THR A 81 -10.85 -1.21 5.66
CA THR A 81 -10.85 -2.47 6.36
C THR A 81 -9.50 -3.16 6.26
N ASP A 82 -8.67 -2.92 7.27
CA ASP A 82 -7.37 -3.56 7.38
C ASP A 82 -7.21 -4.12 8.77
N LEU A 83 -6.87 -5.39 8.85
CA LEU A 83 -6.70 -6.07 10.12
C LEU A 83 -5.57 -7.05 10.02
N LYS A 84 -4.34 -6.55 10.12
CA LYS A 84 -3.14 -7.38 9.99
C LYS A 84 -2.99 -7.81 8.54
N GLN A 85 -3.51 -7.00 7.65
CA GLN A 85 -3.38 -7.23 6.23
C GLN A 85 -2.18 -6.42 5.71
N PRO A 86 -1.60 -6.81 4.56
CA PRO A 86 -0.42 -6.14 4.02
C PRO A 86 -0.74 -4.77 3.43
N VAL A 87 0.20 -3.85 3.57
CA VAL A 87 0.07 -2.51 2.99
C VAL A 87 1.11 -2.31 1.90
N LEU A 88 0.93 -1.28 1.08
CA LEU A 88 1.78 -1.07 -0.08
C LEU A 88 2.81 0.02 0.19
N VAL A 89 4.08 -0.32 -0.04
CA VAL A 89 5.17 0.62 0.19
C VAL A 89 5.72 1.12 -1.14
N SER A 90 5.83 2.44 -1.25
CA SER A 90 6.35 3.07 -2.46
C SER A 90 7.64 3.82 -2.15
N GLN A 91 8.60 3.71 -3.06
CA GLN A 91 9.91 4.32 -2.89
C GLN A 91 9.95 5.72 -3.54
N PRO A 92 10.38 6.74 -2.78
CA PRO A 92 10.45 8.12 -3.24
C PRO A 92 11.73 8.44 -4.02
N LYS A 93 11.95 9.72 -4.30
CA LYS A 93 13.10 10.17 -5.07
C LYS A 93 14.35 10.20 -4.20
N ARG A 94 14.80 9.02 -3.79
CA ARG A 94 15.85 8.87 -2.79
C ARG A 94 17.23 9.32 -3.31
N ARG A 95 17.47 9.15 -4.60
CA ARG A 95 18.81 9.38 -5.14
C ARG A 95 19.10 10.87 -5.33
N ARG A 96 18.14 11.72 -5.03
CA ARG A 96 18.36 13.15 -5.12
C ARG A 96 18.04 13.82 -3.78
N GLY A 97 16.85 13.54 -3.26
CA GLY A 97 16.44 14.14 -2.01
C GLY A 97 15.80 15.51 -2.22
N PRO A 98 14.58 15.71 -1.72
CA PRO A 98 13.87 16.99 -1.84
C PRO A 98 14.46 18.05 -0.91
N GLY A 99 15.02 17.59 0.20
CA GLY A 99 15.59 18.52 1.17
C GLY A 99 15.34 18.03 2.59
N GLY A 100 16.02 18.66 3.53
CA GLY A 100 15.86 18.29 4.92
C GLY A 100 16.53 16.97 5.24
N THR A 101 15.91 16.21 6.13
CA THR A 101 16.45 14.92 6.56
C THR A 101 15.32 14.00 7.00
N LEU A 102 15.69 12.83 7.53
CA LEU A 102 14.73 11.81 7.95
C LEU A 102 13.87 11.33 6.78
N PRO A 103 14.45 10.48 5.91
CA PRO A 103 13.76 9.99 4.73
C PRO A 103 12.81 8.84 5.04
N GLY A 104 11.52 9.09 4.93
CA GLY A 104 10.54 8.06 5.19
C GLY A 104 9.76 7.68 3.93
N PRO A 105 9.63 6.38 3.64
CA PRO A 105 8.88 5.91 2.47
C PRO A 105 7.37 6.06 2.67
N ALA A 106 6.63 6.05 1.58
CA ALA A 106 5.19 6.24 1.66
C ALA A 106 4.48 4.90 1.64
N MET A 107 3.69 4.63 2.67
CA MET A 107 2.94 3.39 2.76
C MET A 107 1.44 3.68 2.70
N LEU A 108 0.76 3.00 1.78
CA LEU A 108 -0.66 3.22 1.59
C LEU A 108 -1.43 1.93 1.82
N ILE A 109 -2.69 2.05 2.22
CA ILE A 109 -3.55 0.90 2.45
C ILE A 109 -4.16 0.42 1.12
N PRO A 110 -4.20 -0.91 0.90
CA PRO A 110 -4.66 -1.53 -0.36
C PRO A 110 -5.92 -0.90 -0.96
N GLU A 111 -6.95 -0.70 -0.14
CA GLU A 111 -8.23 -0.21 -0.64
C GLU A 111 -8.15 1.24 -1.14
N LEU A 112 -7.04 1.90 -0.83
CA LEU A 112 -6.84 3.28 -1.25
C LEU A 112 -6.03 3.28 -2.54
N CYS A 113 -5.55 2.10 -2.89
CA CYS A 113 -4.77 1.92 -4.10
C CYS A 113 -5.51 1.02 -5.08
N TYR A 114 -5.64 1.47 -6.31
CA TYR A 114 -6.37 0.73 -7.32
C TYR A 114 -5.52 0.55 -8.57
N LEU A 115 -5.70 -0.58 -9.23
CA LEU A 115 -4.94 -0.90 -10.44
C LEU A 115 -5.16 0.15 -11.51
N THR A 116 -4.06 0.70 -12.02
CA THR A 116 -4.13 1.75 -13.01
C THR A 116 -4.31 1.20 -14.43
N GLY A 117 -3.80 -0.01 -14.66
CA GLY A 117 -3.96 -0.63 -15.96
C GLY A 117 -2.68 -1.26 -16.48
N LEU A 118 -1.53 -0.79 -16.01
CA LEU A 118 -0.26 -1.36 -16.46
C LEU A 118 0.02 -2.67 -15.72
N THR A 119 -0.67 -3.71 -16.15
CA THR A 119 -0.50 -5.05 -15.62
C THR A 119 -0.74 -6.06 -16.75
N ASP A 120 0.30 -6.45 -17.45
CA ASP A 120 0.15 -7.37 -18.59
C ASP A 120 0.07 -8.81 -18.09
N ARG A 1 -15.30 -1.91 -12.92
CA ARG A 1 -14.20 -0.96 -13.20
C ARG A 1 -13.30 -0.84 -11.97
N SER A 2 -11.99 -1.03 -12.19
CA SER A 2 -10.98 -0.93 -11.14
C SER A 2 -11.11 -2.09 -10.14
N GLU A 3 -10.06 -2.90 -10.06
CA GLU A 3 -10.06 -4.06 -9.19
C GLU A 3 -9.14 -3.81 -8.00
N THR A 4 -9.49 -4.38 -6.86
CA THR A 4 -8.81 -4.09 -5.61
C THR A 4 -7.59 -4.99 -5.40
N VAL A 5 -6.67 -4.53 -4.57
CA VAL A 5 -5.49 -5.30 -4.22
C VAL A 5 -5.91 -6.55 -3.44
N LEU A 6 -6.93 -6.38 -2.60
CA LEU A 6 -7.41 -7.45 -1.75
C LEU A 6 -7.95 -8.60 -2.60
N ASP A 7 -8.73 -8.26 -3.61
CA ASP A 7 -9.31 -9.27 -4.49
C ASP A 7 -8.23 -9.93 -5.32
N PHE A 8 -7.23 -9.14 -5.73
CA PHE A 8 -6.12 -9.65 -6.51
C PHE A 8 -5.33 -10.71 -5.74
N MET A 9 -4.96 -10.39 -4.50
CA MET A 9 -4.19 -11.33 -3.69
C MET A 9 -5.06 -12.51 -3.26
N PHE A 10 -6.37 -12.27 -3.10
CA PHE A 10 -7.30 -13.33 -2.76
C PHE A 10 -7.39 -14.32 -3.92
N ASN A 11 -7.47 -13.78 -5.14
CA ASN A 11 -7.46 -14.59 -6.35
C ASN A 11 -6.15 -15.37 -6.46
N LEU A 12 -5.04 -14.72 -6.15
CA LEU A 12 -3.74 -15.33 -6.22
C LEU A 12 -3.63 -16.48 -5.21
N TYR A 13 -4.14 -16.26 -4.01
CA TYR A 13 -4.11 -17.28 -2.95
C TYR A 13 -4.88 -18.52 -3.39
N GLN A 14 -5.99 -18.31 -4.09
CA GLN A 14 -6.85 -19.40 -4.54
C GLN A 14 -6.16 -20.29 -5.58
N GLN A 15 -5.27 -19.71 -6.36
CA GLN A 15 -4.65 -20.44 -7.46
C GLN A 15 -3.18 -20.73 -7.22
N THR A 16 -2.68 -20.35 -6.05
CA THR A 16 -1.25 -20.51 -5.77
C THR A 16 -1.02 -21.01 -4.35
N GLU A 17 -0.04 -21.90 -4.21
CA GLU A 17 0.43 -22.36 -2.92
C GLU A 17 0.88 -21.19 -2.05
N GLU A 18 0.44 -21.17 -0.81
CA GLU A 18 0.65 -20.03 0.09
C GLU A 18 2.13 -19.64 0.21
N HIS A 19 3.04 -20.60 0.17
CA HIS A 19 4.46 -20.29 0.36
C HIS A 19 5.05 -19.66 -0.90
N LYS A 20 4.63 -20.15 -2.07
CA LYS A 20 5.10 -19.60 -3.33
C LYS A 20 4.29 -18.37 -3.70
N PHE A 21 3.08 -18.31 -3.16
CA PHE A 21 2.23 -17.15 -3.27
C PHE A 21 2.88 -15.97 -2.57
N GLN A 22 3.58 -16.24 -1.48
CA GLN A 22 4.29 -15.18 -0.76
C GLN A 22 5.48 -14.68 -1.57
N GLU A 23 6.15 -15.60 -2.25
CA GLU A 23 7.26 -15.23 -3.12
C GLU A 23 6.75 -14.52 -4.36
N GLN A 24 5.58 -14.92 -4.83
CA GLN A 24 4.99 -14.38 -6.04
C GLN A 24 4.41 -12.98 -5.81
N VAL A 25 3.65 -12.81 -4.72
CA VAL A 25 3.01 -11.53 -4.42
C VAL A 25 4.04 -10.40 -4.38
N SER A 26 5.23 -10.71 -3.89
CA SER A 26 6.31 -9.74 -3.81
C SER A 26 6.76 -9.33 -5.21
N LYS A 27 6.90 -10.31 -6.10
CA LYS A 27 7.39 -10.05 -7.44
C LYS A 27 6.34 -9.35 -8.31
N GLU A 28 5.07 -9.75 -8.14
CA GLU A 28 4.01 -9.25 -9.01
C GLU A 28 3.65 -7.81 -8.69
N LEU A 29 3.56 -7.48 -7.40
CA LEU A 29 3.11 -6.16 -6.99
C LEU A 29 4.26 -5.15 -6.97
N ILE A 30 5.43 -5.56 -6.49
CA ILE A 30 6.57 -4.66 -6.42
C ILE A 30 7.09 -4.36 -7.82
N GLY A 31 6.91 -3.11 -8.25
CA GLY A 31 7.27 -2.72 -9.59
C GLY A 31 6.06 -2.53 -10.47
N LEU A 32 4.93 -3.07 -10.03
CA LEU A 32 3.69 -2.99 -10.78
C LEU A 32 3.08 -1.59 -10.66
N ILE A 33 2.29 -1.21 -11.65
CA ILE A 33 1.75 0.14 -11.71
C ILE A 33 0.43 0.23 -10.96
N VAL A 34 0.35 1.21 -10.07
CA VAL A 34 -0.80 1.39 -9.21
C VAL A 34 -1.20 2.87 -9.14
N LEU A 35 -2.49 3.15 -9.07
CA LEU A 35 -2.93 4.48 -8.72
C LEU A 35 -3.64 4.42 -7.38
N THR A 36 -3.57 5.48 -6.60
CA THR A 36 -4.10 5.46 -5.25
C THR A 36 -5.62 5.57 -5.21
N LYS A 37 -6.14 6.78 -4.99
CA LYS A 37 -7.58 6.99 -4.91
C LYS A 37 -7.87 8.46 -4.67
N TYR A 38 -7.33 8.99 -3.58
CA TYR A 38 -7.58 10.37 -3.16
C TYR A 38 -7.28 11.37 -4.28
N ASN A 39 -6.11 11.28 -4.90
CA ASN A 39 -5.75 12.18 -6.00
C ASN A 39 -5.65 11.39 -7.30
N ASN A 40 -6.17 10.16 -7.28
CA ASN A 40 -5.97 9.15 -8.35
C ASN A 40 -4.57 9.25 -8.99
N LYS A 41 -3.58 9.55 -8.16
CA LYS A 41 -2.20 9.66 -8.62
C LYS A 41 -1.63 8.29 -8.87
N THR A 42 -0.45 8.28 -9.46
CA THR A 42 0.20 7.05 -9.81
C THR A 42 1.39 6.79 -8.91
N TYR A 43 1.68 5.51 -8.72
CA TYR A 43 2.82 5.05 -7.95
C TYR A 43 3.09 3.60 -8.31
N ARG A 44 4.24 3.09 -7.94
CA ARG A 44 4.54 1.69 -8.16
C ARG A 44 5.13 1.09 -6.89
N VAL A 45 4.61 -0.07 -6.50
CA VAL A 45 4.91 -0.67 -5.20
C VAL A 45 6.40 -0.95 -5.02
N ASP A 46 6.94 -0.57 -3.87
CA ASP A 46 8.35 -0.75 -3.58
C ASP A 46 8.57 -1.94 -2.65
N ASP A 47 7.72 -2.06 -1.64
CA ASP A 47 7.90 -3.09 -0.61
C ASP A 47 6.52 -3.54 -0.10
N ILE A 48 6.47 -4.65 0.63
CA ILE A 48 5.20 -5.18 1.16
C ILE A 48 5.37 -5.60 2.61
N ASP A 49 4.44 -5.21 3.47
CA ASP A 49 4.45 -5.64 4.86
C ASP A 49 3.10 -6.23 5.23
N TRP A 50 3.10 -7.15 6.19
CA TRP A 50 1.91 -7.94 6.48
C TRP A 50 1.39 -7.66 7.88
N ASP A 51 0.06 -7.75 8.02
CA ASP A 51 -0.61 -7.66 9.33
C ASP A 51 -0.62 -6.26 9.92
N GLN A 52 -0.43 -5.24 9.08
CA GLN A 52 -0.46 -3.87 9.56
C GLN A 52 -1.90 -3.44 9.76
N ASN A 53 -2.12 -2.51 10.68
CA ASN A 53 -3.47 -2.03 10.96
C ASN A 53 -3.48 -0.50 11.10
N PRO A 54 -4.67 0.14 11.10
CA PRO A 54 -4.83 1.60 11.08
C PRO A 54 -4.22 2.33 12.28
N LYS A 55 -3.81 1.59 13.30
CA LYS A 55 -3.21 2.17 14.50
C LYS A 55 -1.87 2.83 14.17
N SER A 56 -1.37 2.57 12.97
CA SER A 56 -0.12 3.15 12.52
C SER A 56 -0.27 4.65 12.31
N THR A 57 0.79 5.40 12.59
CA THR A 57 0.73 6.85 12.57
C THR A 57 1.47 7.43 11.37
N PHE A 58 1.11 8.65 11.01
CA PHE A 58 1.77 9.36 9.93
C PHE A 58 2.85 10.26 10.49
N LYS A 59 3.97 10.35 9.77
CA LYS A 59 5.09 11.13 10.23
C LYS A 59 5.09 12.49 9.54
N LYS A 60 4.77 13.54 10.29
CA LYS A 60 4.80 14.90 9.74
C LYS A 60 6.00 15.67 10.30
N ALA A 61 6.33 15.41 11.56
CA ALA A 61 7.45 16.10 12.19
C ALA A 61 7.97 15.33 13.41
N ASP A 62 7.68 15.82 14.62
CA ASP A 62 8.27 15.27 15.83
C ASP A 62 7.24 15.23 16.97
N GLY A 63 6.03 15.69 16.69
CA GLY A 63 5.07 15.87 17.76
C GLY A 63 3.72 15.26 17.44
N SER A 64 3.11 15.73 16.36
CA SER A 64 1.82 15.22 15.96
C SER A 64 1.98 13.88 15.26
N GLU A 65 1.28 12.88 15.77
CA GLU A 65 1.22 11.57 15.15
C GLU A 65 -0.21 11.10 15.09
N VAL A 66 -0.78 11.11 13.89
CA VAL A 66 -2.16 10.73 13.70
C VAL A 66 -2.24 9.38 12.99
N SER A 67 -3.21 8.57 13.38
CA SER A 67 -3.39 7.24 12.82
C SER A 67 -4.12 7.29 11.47
N PHE A 68 -4.11 6.15 10.77
CA PHE A 68 -4.70 6.04 9.43
C PHE A 68 -6.16 6.48 9.40
N LEU A 69 -6.97 5.94 10.30
CA LEU A 69 -8.40 6.16 10.29
C LEU A 69 -8.72 7.63 10.54
N GLU A 70 -8.08 8.21 11.55
CA GLU A 70 -8.33 9.59 11.93
C GLU A 70 -7.99 10.56 10.79
N TYR A 71 -6.96 10.24 10.04
CA TYR A 71 -6.51 11.08 8.94
C TYR A 71 -7.53 11.10 7.81
N TYR A 72 -7.88 9.92 7.32
CA TYR A 72 -8.72 9.82 6.14
C TYR A 72 -10.15 10.21 6.45
N ARG A 73 -10.58 9.93 7.67
CA ARG A 73 -11.94 10.23 8.11
C ARG A 73 -12.25 11.72 7.99
N LYS A 74 -11.25 12.55 8.28
CA LYS A 74 -11.41 14.00 8.19
C LYS A 74 -11.63 14.43 6.74
N GLN A 75 -11.14 13.63 5.80
CA GLN A 75 -11.25 13.94 4.39
C GLN A 75 -12.55 13.35 3.85
N TYR A 76 -12.76 12.07 4.12
CA TYR A 76 -13.97 11.37 3.76
C TYR A 76 -14.33 10.38 4.85
N ASN A 77 -15.61 10.15 5.02
CA ASN A 77 -16.11 9.24 6.05
C ASN A 77 -15.99 7.78 5.61
N GLN A 78 -15.19 7.55 4.57
CA GLN A 78 -14.97 6.20 4.06
C GLN A 78 -14.25 5.37 5.10
N GLU A 79 -14.73 4.15 5.32
CA GLU A 79 -14.19 3.31 6.36
C GLU A 79 -13.03 2.47 5.82
N ILE A 80 -11.82 2.75 6.29
CA ILE A 80 -10.69 1.91 5.92
C ILE A 80 -10.73 0.64 6.77
N THR A 81 -10.62 -0.50 6.11
CA THR A 81 -10.78 -1.77 6.80
C THR A 81 -9.50 -2.61 6.71
N ASP A 82 -8.37 -1.96 6.94
CA ASP A 82 -7.06 -2.61 6.93
C ASP A 82 -6.75 -3.26 8.29
N LEU A 83 -7.75 -3.96 8.83
CA LEU A 83 -7.62 -4.61 10.12
C LEU A 83 -6.74 -5.85 10.01
N LYS A 84 -5.44 -5.64 10.19
CA LYS A 84 -4.45 -6.74 10.25
C LYS A 84 -4.17 -7.28 8.85
N GLN A 85 -4.32 -6.42 7.86
CA GLN A 85 -4.10 -6.80 6.47
C GLN A 85 -2.74 -6.28 6.00
N PRO A 86 -2.16 -6.91 4.97
CA PRO A 86 -0.92 -6.41 4.37
C PRO A 86 -1.09 -4.99 3.82
N VAL A 87 -0.04 -4.20 3.92
CA VAL A 87 -0.07 -2.82 3.47
C VAL A 87 1.09 -2.58 2.50
N LEU A 88 0.87 -1.73 1.51
CA LEU A 88 1.87 -1.49 0.48
C LEU A 88 2.87 -0.44 0.95
N VAL A 89 4.05 -0.90 1.32
CA VAL A 89 5.12 -0.02 1.78
C VAL A 89 5.89 0.52 0.58
N SER A 90 6.38 1.74 0.69
CA SER A 90 7.13 2.37 -0.38
C SER A 90 8.44 2.92 0.17
N GLN A 91 9.50 2.79 -0.62
CA GLN A 91 10.84 3.13 -0.17
C GLN A 91 11.80 3.21 -1.37
N PRO A 92 12.63 4.28 -1.44
CA PRO A 92 13.61 4.44 -2.52
C PRO A 92 14.56 3.25 -2.63
N LYS A 93 15.43 3.09 -1.64
CA LYS A 93 16.37 1.97 -1.63
C LYS A 93 16.38 1.30 -0.26
N ARG A 94 15.31 1.53 0.51
CA ARG A 94 15.11 0.91 1.82
C ARG A 94 16.12 1.42 2.87
N ARG A 95 17.40 1.29 2.58
CA ARG A 95 18.45 1.59 3.56
C ARG A 95 18.60 3.09 3.83
N ARG A 96 17.82 3.91 3.12
CA ARG A 96 17.90 5.37 3.26
C ARG A 96 19.26 5.88 2.78
N GLY A 97 19.32 6.20 1.49
CA GLY A 97 20.57 6.62 0.88
C GLY A 97 20.49 8.03 0.34
N PRO A 98 19.96 8.20 -0.88
CA PRO A 98 19.87 9.51 -1.55
C PRO A 98 19.25 10.60 -0.68
N GLY A 99 18.10 10.29 -0.09
CA GLY A 99 17.45 11.23 0.80
C GLY A 99 16.44 12.10 0.07
N GLY A 100 15.65 11.50 -0.81
CA GLY A 100 14.65 12.25 -1.54
C GLY A 100 13.31 12.28 -0.82
N THR A 101 13.13 11.37 0.13
CA THR A 101 11.91 11.28 0.89
C THR A 101 11.95 12.21 2.10
N LEU A 102 11.58 13.47 1.89
CA LEU A 102 11.54 14.45 2.96
C LEU A 102 10.38 14.20 3.94
N PRO A 103 9.14 14.03 3.44
CA PRO A 103 7.98 13.79 4.29
C PRO A 103 7.89 12.33 4.74
N GLY A 104 8.99 11.61 4.61
CA GLY A 104 9.02 10.21 4.97
C GLY A 104 8.57 9.33 3.83
N PRO A 105 8.60 8.00 4.02
CA PRO A 105 8.11 7.05 3.02
C PRO A 105 6.59 6.98 3.02
N ALA A 106 6.00 7.14 1.85
CA ALA A 106 4.55 7.07 1.72
C ALA A 106 4.09 5.62 1.67
N MET A 107 3.18 5.23 2.55
CA MET A 107 2.66 3.87 2.53
C MET A 107 1.15 3.91 2.36
N LEU A 108 0.64 3.13 1.42
CA LEU A 108 -0.78 3.13 1.14
C LEU A 108 -1.36 1.74 1.45
N ILE A 109 -2.50 1.72 2.13
CA ILE A 109 -3.16 0.47 2.44
C ILE A 109 -3.88 -0.07 1.20
N PRO A 110 -4.29 -1.35 1.22
CA PRO A 110 -4.84 -2.05 0.05
C PRO A 110 -5.87 -1.24 -0.75
N GLU A 111 -6.84 -0.63 -0.07
CA GLU A 111 -7.92 0.08 -0.77
C GLU A 111 -7.43 1.38 -1.40
N LEU A 112 -6.24 1.81 -1.00
CA LEU A 112 -5.66 3.06 -1.49
C LEU A 112 -4.69 2.74 -2.60
N CYS A 113 -4.86 1.56 -3.17
CA CYS A 113 -4.09 1.11 -4.30
C CYS A 113 -5.02 0.39 -5.26
N TYR A 114 -4.96 0.78 -6.52
CA TYR A 114 -5.78 0.18 -7.55
C TYR A 114 -4.97 -0.07 -8.81
N LEU A 115 -5.38 -1.07 -9.57
CA LEU A 115 -4.68 -1.44 -10.80
C LEU A 115 -4.91 -0.40 -11.88
N THR A 116 -3.82 0.15 -12.41
CA THR A 116 -3.90 1.21 -13.40
C THR A 116 -4.24 0.67 -14.80
N GLY A 117 -4.05 -0.63 -15.01
CA GLY A 117 -4.41 -1.24 -16.28
C GLY A 117 -3.20 -1.66 -17.11
N LEU A 118 -2.26 -0.74 -17.30
CA LEU A 118 -1.06 -1.00 -18.12
C LEU A 118 -0.05 -1.90 -17.39
N THR A 119 -0.56 -2.74 -16.52
CA THR A 119 0.26 -3.55 -15.66
C THR A 119 0.70 -4.86 -16.33
N ASP A 120 -0.11 -5.37 -17.24
CA ASP A 120 0.15 -6.68 -17.84
C ASP A 120 0.89 -6.55 -19.16
N ARG A 1 -13.37 -2.67 -15.26
CA ARG A 1 -12.26 -1.71 -15.38
C ARG A 1 -11.68 -1.41 -14.01
N SER A 2 -10.36 -1.56 -13.87
CA SER A 2 -9.66 -1.35 -12.60
C SER A 2 -9.94 -2.48 -11.61
N GLU A 3 -8.95 -2.81 -10.80
CA GLU A 3 -9.04 -3.91 -9.87
C GLU A 3 -8.33 -3.56 -8.56
N THR A 4 -8.80 -4.09 -7.45
CA THR A 4 -8.24 -3.76 -6.15
C THR A 4 -7.17 -4.76 -5.73
N VAL A 5 -6.28 -4.33 -4.83
CA VAL A 5 -5.18 -5.16 -4.37
C VAL A 5 -5.69 -6.39 -3.65
N LEU A 6 -6.74 -6.21 -2.85
CA LEU A 6 -7.28 -7.28 -2.02
C LEU A 6 -7.85 -8.41 -2.88
N ASP A 7 -8.49 -8.04 -3.98
CA ASP A 7 -9.11 -9.02 -4.87
C ASP A 7 -8.04 -9.82 -5.60
N PHE A 8 -7.03 -9.12 -6.09
CA PHE A 8 -5.95 -9.76 -6.85
C PHE A 8 -5.20 -10.79 -5.99
N MET A 9 -4.81 -10.39 -4.79
CA MET A 9 -4.07 -11.29 -3.91
C MET A 9 -4.96 -12.46 -3.46
N PHE A 10 -6.26 -12.21 -3.35
CA PHE A 10 -7.21 -13.25 -2.99
C PHE A 10 -7.33 -14.28 -4.11
N ASN A 11 -7.50 -13.76 -5.33
CA ASN A 11 -7.63 -14.60 -6.52
C ASN A 11 -6.36 -15.43 -6.73
N LEU A 12 -5.22 -14.84 -6.40
CA LEU A 12 -3.93 -15.52 -6.50
C LEU A 12 -3.80 -16.59 -5.43
N TYR A 13 -4.25 -16.27 -4.22
CA TYR A 13 -4.09 -17.13 -3.05
C TYR A 13 -4.81 -18.46 -3.22
N GLN A 14 -6.05 -18.42 -3.68
CA GLN A 14 -6.90 -19.61 -3.75
C GLN A 14 -6.34 -20.68 -4.71
N GLN A 15 -5.46 -20.28 -5.61
CA GLN A 15 -4.95 -21.21 -6.62
C GLN A 15 -3.43 -21.32 -6.59
N THR A 16 -2.83 -20.87 -5.49
CA THR A 16 -1.38 -20.95 -5.34
C THR A 16 -1.03 -21.39 -3.91
N GLU A 17 -0.01 -22.24 -3.79
CA GLU A 17 0.52 -22.63 -2.48
C GLU A 17 0.90 -21.39 -1.67
N GLU A 18 0.31 -21.25 -0.50
CA GLU A 18 0.43 -20.06 0.34
C GLU A 18 1.89 -19.61 0.53
N HIS A 19 2.80 -20.55 0.74
CA HIS A 19 4.20 -20.21 1.00
C HIS A 19 4.91 -19.72 -0.28
N LYS A 20 4.55 -20.28 -1.42
CA LYS A 20 5.11 -19.86 -2.70
C LYS A 20 4.36 -18.64 -3.19
N PHE A 21 3.12 -18.54 -2.74
CA PHE A 21 2.28 -17.38 -2.99
C PHE A 21 2.89 -16.17 -2.32
N GLN A 22 3.58 -16.39 -1.21
CA GLN A 22 4.30 -15.32 -0.54
C GLN A 22 5.45 -14.80 -1.41
N GLU A 23 6.09 -15.71 -2.14
CA GLU A 23 7.13 -15.33 -3.10
C GLU A 23 6.49 -14.69 -4.33
N GLN A 24 5.42 -15.31 -4.80
CA GLN A 24 4.73 -14.89 -6.03
C GLN A 24 4.19 -13.46 -5.90
N VAL A 25 3.56 -13.15 -4.77
CA VAL A 25 2.99 -11.83 -4.55
C VAL A 25 4.07 -10.73 -4.63
N SER A 26 5.27 -11.07 -4.19
CA SER A 26 6.38 -10.13 -4.22
C SER A 26 6.78 -9.81 -5.65
N LYS A 27 6.84 -10.85 -6.49
CA LYS A 27 7.27 -10.70 -7.86
C LYS A 27 6.19 -9.99 -8.71
N GLU A 28 4.93 -10.23 -8.38
CA GLU A 28 3.83 -9.68 -9.19
C GLU A 28 3.49 -8.26 -8.78
N LEU A 29 3.42 -8.00 -7.48
CA LEU A 29 2.96 -6.70 -6.98
C LEU A 29 4.10 -5.68 -6.96
N ILE A 30 5.29 -6.09 -6.53
CA ILE A 30 6.42 -5.18 -6.48
C ILE A 30 6.91 -4.86 -7.88
N GLY A 31 6.79 -3.59 -8.26
CA GLY A 31 7.12 -3.18 -9.61
C GLY A 31 5.88 -2.92 -10.42
N LEU A 32 4.74 -3.39 -9.91
CA LEU A 32 3.46 -3.17 -10.55
C LEU A 32 3.03 -1.73 -10.33
N ILE A 33 2.37 -1.15 -11.32
CA ILE A 33 1.96 0.25 -11.23
C ILE A 33 0.59 0.35 -10.61
N VAL A 34 0.47 1.16 -9.57
CA VAL A 34 -0.80 1.30 -8.87
C VAL A 34 -1.14 2.78 -8.69
N LEU A 35 -2.40 3.07 -8.41
CA LEU A 35 -2.84 4.45 -8.24
C LEU A 35 -3.59 4.61 -6.92
N THR A 36 -3.72 5.84 -6.45
CA THR A 36 -4.45 6.13 -5.23
C THR A 36 -5.82 6.74 -5.56
N LYS A 37 -6.87 6.13 -5.03
CA LYS A 37 -8.24 6.56 -5.32
C LYS A 37 -8.52 7.95 -4.72
N TYR A 38 -9.54 8.61 -5.26
CA TYR A 38 -10.06 9.90 -4.80
C TYR A 38 -9.16 11.07 -5.20
N ASN A 39 -7.91 10.78 -5.50
CA ASN A 39 -6.99 11.80 -6.00
C ASN A 39 -6.37 11.38 -7.33
N ASN A 40 -6.39 10.07 -7.60
CA ASN A 40 -5.91 9.52 -8.87
C ASN A 40 -4.41 9.74 -9.04
N LYS A 41 -3.70 9.87 -7.93
CA LYS A 41 -2.25 9.91 -7.93
C LYS A 41 -1.73 8.51 -8.17
N THR A 42 -0.44 8.33 -8.37
CA THR A 42 0.08 7.02 -8.61
C THR A 42 1.31 6.71 -7.75
N TYR A 43 1.39 5.46 -7.32
CA TYR A 43 2.50 4.96 -6.54
C TYR A 43 2.76 3.50 -6.92
N ARG A 44 4.02 3.16 -7.12
CA ARG A 44 4.39 1.79 -7.45
C ARG A 44 4.79 1.06 -6.17
N VAL A 45 4.47 -0.22 -6.09
CA VAL A 45 4.81 -1.02 -4.92
C VAL A 45 6.31 -1.27 -4.86
N ASP A 46 6.98 -0.64 -3.89
CA ASP A 46 8.40 -0.87 -3.68
C ASP A 46 8.59 -2.01 -2.68
N ASP A 47 7.89 -1.91 -1.55
CA ASP A 47 7.96 -2.94 -0.53
C ASP A 47 6.55 -3.34 -0.07
N ILE A 48 6.37 -4.61 0.23
CA ILE A 48 5.11 -5.11 0.77
C ILE A 48 5.26 -5.44 2.24
N ASP A 49 4.51 -4.74 3.09
CA ASP A 49 4.59 -5.00 4.51
C ASP A 49 3.30 -5.64 4.99
N TRP A 50 3.43 -6.71 5.76
CA TRP A 50 2.29 -7.54 6.12
C TRP A 50 1.81 -7.24 7.54
N ASP A 51 0.51 -7.42 7.76
CA ASP A 51 -0.11 -7.36 9.09
C ASP A 51 -0.21 -5.95 9.63
N GLN A 52 0.05 -4.96 8.80
CA GLN A 52 -0.07 -3.56 9.21
C GLN A 52 -1.54 -3.21 9.37
N ASN A 53 -1.84 -2.40 10.38
CA ASN A 53 -3.20 -1.98 10.66
C ASN A 53 -3.25 -0.46 10.89
N PRO A 54 -4.47 0.13 10.91
CA PRO A 54 -4.67 1.60 10.94
C PRO A 54 -4.06 2.33 12.13
N LYS A 55 -3.58 1.60 13.13
CA LYS A 55 -3.04 2.22 14.34
C LYS A 55 -1.71 2.92 14.07
N SER A 56 -1.17 2.78 12.87
CA SER A 56 0.07 3.45 12.51
C SER A 56 -0.18 4.94 12.30
N THR A 57 0.79 5.76 12.69
CA THR A 57 0.68 7.19 12.56
C THR A 57 1.62 7.69 11.47
N PHE A 58 1.28 8.84 10.89
CA PHE A 58 2.03 9.38 9.76
C PHE A 58 3.06 10.40 10.22
N LYS A 59 4.28 10.26 9.73
CA LYS A 59 5.37 11.14 10.11
C LYS A 59 5.50 12.32 9.14
N LYS A 60 4.80 13.41 9.45
CA LYS A 60 4.92 14.63 8.65
C LYS A 60 5.70 15.69 9.41
N ALA A 61 6.11 15.36 10.63
CA ALA A 61 6.73 16.33 11.52
C ALA A 61 7.24 15.66 12.79
N ASP A 62 6.60 14.55 13.18
CA ASP A 62 6.92 13.84 14.42
C ASP A 62 6.54 14.71 15.60
N GLY A 63 5.24 14.84 15.81
CA GLY A 63 4.70 15.67 16.85
C GLY A 63 3.19 15.62 16.89
N SER A 64 2.58 15.56 15.71
CA SER A 64 1.14 15.37 15.61
C SER A 64 0.85 13.93 15.20
N GLU A 65 0.02 13.24 15.98
CA GLU A 65 -0.27 11.85 15.73
C GLU A 65 -1.60 11.67 15.01
N VAL A 66 -1.52 11.40 13.72
CA VAL A 66 -2.71 11.09 12.94
C VAL A 66 -2.62 9.66 12.44
N SER A 67 -3.71 8.93 12.58
CA SER A 67 -3.76 7.53 12.15
C SER A 67 -4.53 7.43 10.83
N PHE A 68 -4.57 6.24 10.24
CA PHE A 68 -5.31 6.01 9.00
C PHE A 68 -6.77 6.43 9.15
N LEU A 69 -7.34 6.09 10.28
CA LEU A 69 -8.73 6.40 10.58
C LEU A 69 -8.99 7.91 10.49
N GLU A 70 -8.12 8.69 11.12
CA GLU A 70 -8.25 10.14 11.14
C GLU A 70 -7.93 10.73 9.78
N TYR A 71 -7.12 10.03 9.00
CA TYR A 71 -6.73 10.51 7.68
C TYR A 71 -7.92 10.49 6.74
N TYR A 72 -8.58 9.33 6.62
CA TYR A 72 -9.69 9.19 5.68
C TYR A 72 -10.87 10.05 6.13
N ARG A 73 -11.04 10.16 7.44
CA ARG A 73 -12.15 10.88 8.05
C ARG A 73 -12.29 12.29 7.51
N LYS A 74 -11.17 12.94 7.24
CA LYS A 74 -11.16 14.31 6.74
C LYS A 74 -11.76 14.37 5.33
N GLN A 75 -11.51 13.35 4.53
CA GLN A 75 -11.92 13.36 3.14
C GLN A 75 -13.31 12.78 2.97
N TYR A 76 -13.50 11.59 3.52
CA TYR A 76 -14.78 10.88 3.46
C TYR A 76 -14.87 9.93 4.64
N ASN A 77 -16.07 9.72 5.14
CA ASN A 77 -16.30 8.84 6.29
C ASN A 77 -16.38 7.37 5.89
N GLN A 78 -15.94 7.05 4.69
CA GLN A 78 -15.93 5.67 4.22
C GLN A 78 -14.91 4.84 5.02
N GLU A 79 -15.32 3.65 5.42
CA GLU A 79 -14.58 2.86 6.41
C GLU A 79 -13.39 2.13 5.79
N ILE A 80 -12.30 2.07 6.54
CA ILE A 80 -11.11 1.33 6.13
C ILE A 80 -11.08 -0.04 6.81
N THR A 81 -10.49 -1.03 6.16
CA THR A 81 -10.37 -2.35 6.74
C THR A 81 -9.07 -3.03 6.29
N ASP A 82 -7.95 -2.47 6.72
CA ASP A 82 -6.62 -3.01 6.42
C ASP A 82 -6.11 -3.84 7.59
N LEU A 83 -6.98 -4.08 8.56
CA LEU A 83 -6.67 -4.82 9.75
C LEU A 83 -6.08 -6.17 9.41
N LYS A 84 -4.79 -6.27 9.62
CA LYS A 84 -4.05 -7.50 9.47
C LYS A 84 -3.87 -7.85 8.01
N GLN A 85 -4.06 -6.86 7.18
CA GLN A 85 -3.82 -6.97 5.75
C GLN A 85 -2.44 -6.38 5.43
N PRO A 86 -1.83 -6.77 4.31
CA PRO A 86 -0.59 -6.15 3.87
C PRO A 86 -0.87 -4.79 3.25
N VAL A 87 0.04 -3.85 3.47
CA VAL A 87 -0.12 -2.52 2.92
C VAL A 87 1.00 -2.24 1.92
N LEU A 88 0.76 -1.29 1.03
CA LEU A 88 1.70 -0.98 -0.03
C LEU A 88 2.63 0.14 0.38
N VAL A 89 3.88 -0.20 0.64
CA VAL A 89 4.87 0.79 1.04
C VAL A 89 5.69 1.22 -0.16
N SER A 90 5.70 2.52 -0.40
CA SER A 90 6.50 3.08 -1.48
C SER A 90 7.59 3.97 -0.90
N GLN A 91 8.78 3.91 -1.48
CA GLN A 91 9.89 4.74 -1.03
C GLN A 91 10.95 4.82 -2.12
N PRO A 92 10.65 5.58 -3.20
CA PRO A 92 11.56 5.74 -4.32
C PRO A 92 12.79 6.55 -3.93
N LYS A 93 13.94 6.13 -4.43
CA LYS A 93 15.19 6.82 -4.15
C LYS A 93 15.24 8.16 -4.89
N ARG A 94 15.24 9.25 -4.14
CA ARG A 94 15.36 10.58 -4.72
C ARG A 94 16.81 10.87 -5.08
N ARG A 95 17.08 12.05 -5.65
CA ARG A 95 18.42 12.41 -6.08
C ARG A 95 19.31 12.71 -4.89
N ARG A 96 19.74 11.66 -4.21
CA ARG A 96 20.61 11.76 -3.04
C ARG A 96 20.95 10.35 -2.57
N GLY A 97 19.94 9.48 -2.58
CA GLY A 97 20.13 8.12 -2.12
C GLY A 97 19.96 7.99 -0.63
N PRO A 98 20.39 6.85 -0.08
CA PRO A 98 20.48 6.63 1.36
C PRO A 98 21.69 7.39 1.94
N GLY A 99 22.26 6.84 2.98
CA GLY A 99 23.42 7.45 3.60
C GLY A 99 23.07 8.21 4.87
N GLY A 100 22.16 9.16 4.77
CA GLY A 100 21.79 9.97 5.91
C GLY A 100 20.31 10.32 5.90
N THR A 101 20.01 11.53 6.41
CA THR A 101 18.64 12.07 6.52
C THR A 101 17.75 11.18 7.40
N LEU A 102 16.57 11.70 7.73
CA LEU A 102 15.63 10.96 8.56
C LEU A 102 14.63 10.22 7.68
N PRO A 103 14.50 8.91 7.89
CA PRO A 103 13.63 8.07 7.07
C PRO A 103 12.16 8.19 7.45
N GLY A 104 11.32 8.32 6.44
CA GLY A 104 9.89 8.32 6.64
C GLY A 104 9.21 7.42 5.62
N PRO A 105 8.82 6.20 6.03
CA PRO A 105 8.21 5.22 5.11
C PRO A 105 6.80 5.64 4.69
N ALA A 106 6.56 5.65 3.38
CA ALA A 106 5.25 5.99 2.85
C ALA A 106 4.41 4.74 2.70
N MET A 107 3.47 4.55 3.61
CA MET A 107 2.62 3.38 3.59
C MET A 107 1.21 3.74 3.14
N LEU A 108 0.71 3.01 2.17
CA LEU A 108 -0.62 3.26 1.65
C LEU A 108 -1.48 2.00 1.75
N ILE A 109 -2.69 2.19 2.25
CA ILE A 109 -3.62 1.09 2.43
C ILE A 109 -4.05 0.51 1.07
N PRO A 110 -4.02 -0.83 0.93
CA PRO A 110 -4.26 -1.51 -0.35
C PRO A 110 -5.60 -1.16 -0.99
N GLU A 111 -6.62 -0.92 -0.18
CA GLU A 111 -7.96 -0.67 -0.70
C GLU A 111 -8.05 0.71 -1.35
N LEU A 112 -7.08 1.55 -1.03
CA LEU A 112 -7.05 2.91 -1.53
C LEU A 112 -6.16 2.97 -2.76
N CYS A 113 -5.61 1.82 -3.08
CA CYS A 113 -4.75 1.69 -4.23
C CYS A 113 -5.42 0.80 -5.27
N TYR A 114 -5.48 1.28 -6.49
CA TYR A 114 -6.18 0.57 -7.55
C TYR A 114 -5.31 0.48 -8.80
N LEU A 115 -5.48 -0.62 -9.55
CA LEU A 115 -4.71 -0.85 -10.77
C LEU A 115 -5.00 0.24 -11.80
N THR A 116 -3.94 0.94 -12.22
CA THR A 116 -4.07 2.02 -13.18
C THR A 116 -4.08 1.49 -14.61
N GLY A 117 -3.55 0.28 -14.80
CA GLY A 117 -3.44 -0.28 -16.13
C GLY A 117 -2.16 0.16 -16.82
N LEU A 118 -1.30 0.86 -16.08
CA LEU A 118 -0.02 1.32 -16.60
C LEU A 118 0.95 0.14 -16.66
N THR A 119 0.51 -0.98 -16.09
CA THR A 119 1.24 -2.23 -16.15
C THR A 119 1.16 -2.82 -17.56
N ASP A 120 2.02 -2.32 -18.46
CA ASP A 120 1.98 -2.68 -19.88
C ASP A 120 2.16 -4.18 -20.08
N ARG A 1 -8.26 -0.89 -17.06
CA ARG A 1 -8.83 -1.83 -16.06
C ARG A 1 -8.19 -1.58 -14.70
N SER A 2 -8.99 -1.10 -13.76
CA SER A 2 -8.51 -0.86 -12.41
C SER A 2 -9.24 -1.75 -11.42
N GLU A 3 -8.54 -2.75 -10.88
CA GLU A 3 -9.13 -3.66 -9.90
C GLU A 3 -8.48 -3.45 -8.54
N THR A 4 -9.14 -3.89 -7.49
CA THR A 4 -8.64 -3.72 -6.13
C THR A 4 -7.52 -4.72 -5.83
N VAL A 5 -6.64 -4.37 -4.89
CA VAL A 5 -5.51 -5.21 -4.52
C VAL A 5 -5.98 -6.48 -3.84
N LEU A 6 -7.03 -6.36 -3.04
CA LEU A 6 -7.55 -7.48 -2.26
C LEU A 6 -8.05 -8.59 -3.17
N ASP A 7 -8.81 -8.22 -4.17
CA ASP A 7 -9.35 -9.18 -5.12
C ASP A 7 -8.22 -9.90 -5.84
N PHE A 8 -7.13 -9.20 -6.10
CA PHE A 8 -5.98 -9.77 -6.77
C PHE A 8 -5.28 -10.81 -5.89
N MET A 9 -4.99 -10.44 -4.63
CA MET A 9 -4.27 -11.34 -3.73
C MET A 9 -5.16 -12.51 -3.31
N PHE A 10 -6.45 -12.28 -3.22
CA PHE A 10 -7.40 -13.34 -2.92
C PHE A 10 -7.47 -14.34 -4.08
N ASN A 11 -7.52 -13.81 -5.29
CA ASN A 11 -7.53 -14.61 -6.50
C ASN A 11 -6.31 -15.51 -6.59
N LEU A 12 -5.16 -14.90 -6.41
CA LEU A 12 -3.88 -15.61 -6.41
C LEU A 12 -3.81 -16.66 -5.29
N TYR A 13 -4.38 -16.33 -4.14
CA TYR A 13 -4.30 -17.18 -2.96
C TYR A 13 -5.01 -18.52 -3.16
N GLN A 14 -6.10 -18.51 -3.89
CA GLN A 14 -6.90 -19.73 -4.06
C GLN A 14 -6.39 -20.59 -5.21
N GLN A 15 -5.35 -20.13 -5.90
CA GLN A 15 -4.79 -20.90 -7.01
C GLN A 15 -3.33 -21.28 -6.75
N THR A 16 -2.81 -20.84 -5.61
CA THR A 16 -1.42 -21.10 -5.26
C THR A 16 -1.29 -21.38 -3.76
N GLU A 17 -0.36 -22.26 -3.40
CA GLU A 17 -0.05 -22.51 -2.00
C GLU A 17 0.37 -21.21 -1.33
N GLU A 18 -0.10 -21.02 -0.10
CA GLU A 18 0.15 -19.79 0.65
C GLU A 18 1.65 -19.47 0.75
N HIS A 19 2.51 -20.49 0.82
CA HIS A 19 3.94 -20.26 1.01
C HIS A 19 4.62 -19.84 -0.30
N LYS A 20 4.16 -20.37 -1.43
CA LYS A 20 4.67 -19.94 -2.73
C LYS A 20 3.96 -18.67 -3.15
N PHE A 21 2.76 -18.52 -2.62
CA PHE A 21 1.96 -17.29 -2.76
C PHE A 21 2.69 -16.13 -2.12
N GLN A 22 3.42 -16.41 -1.03
CA GLN A 22 4.23 -15.38 -0.39
C GLN A 22 5.28 -14.86 -1.38
N GLU A 23 5.87 -15.79 -2.14
CA GLU A 23 6.87 -15.45 -3.14
C GLU A 23 6.22 -14.67 -4.29
N GLN A 24 5.12 -15.21 -4.81
CA GLN A 24 4.45 -14.63 -5.97
C GLN A 24 3.93 -13.23 -5.69
N VAL A 25 3.36 -13.02 -4.52
CA VAL A 25 2.86 -11.69 -4.15
C VAL A 25 3.97 -10.65 -4.25
N SER A 26 5.14 -11.03 -3.77
CA SER A 26 6.30 -10.15 -3.80
C SER A 26 6.78 -9.94 -5.23
N LYS A 27 6.78 -11.01 -6.03
CA LYS A 27 7.29 -10.94 -7.40
C LYS A 27 6.36 -10.22 -8.35
N GLU A 28 5.08 -10.55 -8.29
CA GLU A 28 4.12 -10.08 -9.30
C GLU A 28 3.71 -8.63 -9.06
N LEU A 29 3.73 -8.20 -7.80
CA LEU A 29 3.27 -6.86 -7.45
C LEU A 29 4.40 -5.85 -7.50
N ILE A 30 5.58 -6.21 -7.01
CA ILE A 30 6.71 -5.29 -7.03
C ILE A 30 7.25 -5.15 -8.45
N GLY A 31 6.80 -4.11 -9.13
CA GLY A 31 7.13 -3.91 -10.53
C GLY A 31 5.90 -3.59 -11.33
N LEU A 32 4.73 -3.75 -10.71
CA LEU A 32 3.47 -3.43 -11.34
C LEU A 32 3.07 -1.99 -11.04
N ILE A 33 2.27 -1.40 -11.92
CA ILE A 33 1.85 -0.02 -11.76
C ILE A 33 0.58 0.04 -10.89
N VAL A 34 0.55 1.01 -9.98
CA VAL A 34 -0.58 1.18 -9.06
C VAL A 34 -0.98 2.66 -9.01
N LEU A 35 -2.14 2.94 -8.46
CA LEU A 35 -2.63 4.30 -8.29
C LEU A 35 -3.43 4.39 -6.99
N THR A 36 -3.66 5.59 -6.50
CA THR A 36 -4.38 5.74 -5.24
C THR A 36 -5.71 6.46 -5.45
N LYS A 37 -6.72 6.04 -4.69
CA LYS A 37 -8.06 6.61 -4.82
C LYS A 37 -8.20 7.92 -4.05
N TYR A 38 -7.06 8.54 -3.71
CA TYR A 38 -7.06 9.85 -3.06
C TYR A 38 -7.47 10.93 -4.05
N ASN A 39 -6.50 11.46 -4.79
CA ASN A 39 -6.78 12.45 -5.81
C ASN A 39 -6.46 11.87 -7.18
N ASN A 40 -6.50 10.53 -7.25
CA ASN A 40 -6.15 9.79 -8.46
C ASN A 40 -4.65 9.89 -8.72
N LYS A 41 -3.87 9.86 -7.64
CA LYS A 41 -2.42 9.78 -7.74
C LYS A 41 -2.00 8.41 -8.23
N THR A 42 -0.73 8.28 -8.52
CA THR A 42 -0.18 7.01 -8.92
C THR A 42 0.69 6.46 -7.79
N TYR A 43 1.16 5.23 -7.96
CA TYR A 43 2.09 4.61 -7.03
C TYR A 43 2.82 3.48 -7.74
N ARG A 44 4.13 3.55 -7.73
CA ARG A 44 4.93 2.47 -8.28
C ARG A 44 5.42 1.61 -7.13
N VAL A 45 5.04 0.33 -7.15
CA VAL A 45 5.31 -0.56 -6.02
C VAL A 45 6.80 -0.71 -5.76
N ASP A 46 7.25 -0.21 -4.62
CA ASP A 46 8.64 -0.37 -4.20
C ASP A 46 8.74 -1.46 -3.14
N ASP A 47 7.91 -1.38 -2.12
CA ASP A 47 7.95 -2.34 -1.01
C ASP A 47 6.55 -2.77 -0.59
N ILE A 48 6.46 -3.98 -0.08
CA ILE A 48 5.21 -4.48 0.50
C ILE A 48 5.50 -5.02 1.89
N ASP A 49 4.88 -4.44 2.90
CA ASP A 49 5.09 -4.90 4.25
C ASP A 49 3.79 -5.50 4.77
N TRP A 50 3.90 -6.49 5.63
CA TRP A 50 2.74 -7.27 6.04
C TRP A 50 2.37 -6.99 7.50
N ASP A 51 1.14 -7.36 7.86
CA ASP A 51 0.69 -7.35 9.25
C ASP A 51 0.59 -5.94 9.84
N GLN A 52 0.39 -4.93 9.02
CA GLN A 52 0.26 -3.58 9.56
C GLN A 52 -1.18 -3.36 10.03
N ASN A 53 -1.37 -2.37 10.88
CA ASN A 53 -2.69 -2.07 11.40
C ASN A 53 -2.94 -0.56 11.34
N PRO A 54 -4.23 -0.16 11.35
CA PRO A 54 -4.63 1.25 11.31
C PRO A 54 -4.20 2.02 12.55
N LYS A 55 -3.72 1.29 13.56
CA LYS A 55 -3.33 1.90 14.84
C LYS A 55 -2.05 2.71 14.72
N SER A 56 -1.32 2.52 13.63
CA SER A 56 -0.05 3.22 13.42
C SER A 56 -0.29 4.69 13.09
N THR A 57 0.64 5.56 13.50
CA THR A 57 0.47 7.00 13.39
C THR A 57 1.35 7.60 12.29
N PHE A 58 0.93 8.73 11.74
CA PHE A 58 1.59 9.33 10.58
C PHE A 58 2.59 10.41 10.97
N LYS A 59 3.52 10.69 10.05
CA LYS A 59 4.51 11.76 10.19
C LYS A 59 5.49 11.52 11.34
N LYS A 60 5.33 12.28 12.42
CA LYS A 60 6.28 12.26 13.53
C LYS A 60 5.64 11.72 14.79
N ALA A 61 6.36 10.87 15.51
CA ALA A 61 5.84 10.24 16.72
C ALA A 61 5.73 11.26 17.85
N ASP A 62 6.59 12.28 17.77
CA ASP A 62 6.62 13.34 18.79
C ASP A 62 5.81 14.54 18.33
N GLY A 63 5.06 14.38 17.25
CA GLY A 63 4.34 15.48 16.68
C GLY A 63 2.86 15.19 16.51
N SER A 64 2.55 14.13 15.77
CA SER A 64 1.17 13.83 15.45
C SER A 64 0.87 12.36 15.74
N GLU A 65 -0.19 12.12 16.51
CA GLU A 65 -0.68 10.77 16.71
C GLU A 65 -2.07 10.64 16.12
N VAL A 66 -2.13 10.22 14.88
CA VAL A 66 -3.39 10.03 14.20
C VAL A 66 -3.42 8.65 13.55
N SER A 67 -4.54 7.96 13.68
CA SER A 67 -4.66 6.63 13.12
C SER A 67 -5.09 6.70 11.66
N PHE A 68 -5.00 5.57 10.97
CA PHE A 68 -5.36 5.49 9.56
C PHE A 68 -6.80 5.93 9.33
N LEU A 69 -7.68 5.59 10.27
CA LEU A 69 -9.10 5.91 10.14
C LEU A 69 -9.33 7.41 10.28
N GLU A 70 -8.73 7.99 11.30
CA GLU A 70 -8.88 9.41 11.57
C GLU A 70 -8.26 10.25 10.45
N TYR A 71 -7.10 9.80 9.96
CA TYR A 71 -6.43 10.47 8.86
C TYR A 71 -7.28 10.43 7.61
N TYR A 72 -7.81 9.26 7.29
CA TYR A 72 -8.54 9.10 6.05
C TYR A 72 -9.85 9.85 6.09
N ARG A 73 -10.52 9.85 7.23
CA ARG A 73 -11.80 10.52 7.38
C ARG A 73 -11.72 11.98 6.97
N LYS A 74 -10.59 12.62 7.29
CA LYS A 74 -10.37 14.02 6.93
C LYS A 74 -10.21 14.19 5.42
N GLN A 75 -9.75 13.13 4.76
CA GLN A 75 -9.54 13.16 3.31
C GLN A 75 -10.83 12.76 2.62
N TYR A 76 -11.37 11.64 3.04
CA TYR A 76 -12.63 11.13 2.53
C TYR A 76 -13.39 10.45 3.65
N ASN A 77 -14.70 10.51 3.57
CA ASN A 77 -15.57 9.95 4.60
C ASN A 77 -15.79 8.44 4.39
N GLN A 78 -14.95 7.81 3.58
CA GLN A 78 -14.98 6.36 3.41
C GLN A 78 -14.43 5.67 4.66
N GLU A 79 -15.01 4.53 5.00
CA GLU A 79 -14.55 3.75 6.15
C GLU A 79 -13.58 2.68 5.70
N ILE A 80 -12.35 2.75 6.18
CA ILE A 80 -11.34 1.77 5.83
C ILE A 80 -11.51 0.49 6.64
N THR A 81 -11.11 -0.61 6.05
CA THR A 81 -11.18 -1.89 6.71
C THR A 81 -9.87 -2.68 6.49
N ASP A 82 -8.95 -2.51 7.43
CA ASP A 82 -7.64 -3.10 7.34
C ASP A 82 -7.52 -4.23 8.37
N LEU A 83 -6.90 -3.91 9.50
CA LEU A 83 -6.78 -4.83 10.62
C LEU A 83 -6.08 -6.12 10.21
N LYS A 84 -4.74 -6.09 10.27
CA LYS A 84 -3.91 -7.28 10.07
C LYS A 84 -3.69 -7.54 8.59
N GLN A 85 -3.49 -6.49 7.83
CA GLN A 85 -3.34 -6.60 6.39
C GLN A 85 -1.99 -6.07 5.94
N PRO A 86 -1.51 -6.49 4.77
CA PRO A 86 -0.31 -5.94 4.19
C PRO A 86 -0.58 -4.56 3.60
N VAL A 87 0.40 -3.69 3.67
CA VAL A 87 0.27 -2.34 3.17
C VAL A 87 1.41 -2.03 2.20
N LEU A 88 1.11 -1.23 1.20
CA LEU A 88 2.08 -0.91 0.17
C LEU A 88 2.89 0.31 0.57
N VAL A 89 4.17 0.09 0.86
CA VAL A 89 5.06 1.12 1.37
C VAL A 89 6.16 1.43 0.35
N SER A 90 6.63 2.67 0.32
CA SER A 90 7.76 3.01 -0.53
C SER A 90 8.98 3.28 0.34
N GLN A 91 9.99 2.42 0.19
CA GLN A 91 11.27 2.63 0.85
C GLN A 91 12.39 2.33 -0.16
N PRO A 92 12.68 3.28 -1.05
CA PRO A 92 13.55 3.05 -2.22
C PRO A 92 15.05 2.97 -1.89
N LYS A 93 15.36 2.47 -0.71
CA LYS A 93 16.74 2.21 -0.34
C LYS A 93 16.78 0.92 0.47
N ARG A 94 17.13 -0.18 -0.21
CA ARG A 94 16.94 -1.53 0.30
C ARG A 94 17.76 -1.83 1.55
N ARG A 95 18.76 -1.01 1.83
CA ARG A 95 19.56 -1.17 3.05
C ARG A 95 18.75 -0.73 4.27
N ARG A 96 17.68 0.01 4.00
CA ARG A 96 16.81 0.56 5.05
C ARG A 96 17.60 1.53 5.93
N GLY A 97 18.21 2.50 5.28
CA GLY A 97 18.98 3.52 5.96
C GLY A 97 19.06 4.78 5.14
N PRO A 98 18.59 5.91 5.69
CA PRO A 98 18.52 7.17 4.95
C PRO A 98 19.90 7.71 4.57
N GLY A 99 20.73 7.96 5.57
CA GLY A 99 22.05 8.51 5.30
C GLY A 99 22.04 10.02 5.22
N GLY A 100 22.20 10.55 4.01
CA GLY A 100 22.21 11.99 3.83
C GLY A 100 20.82 12.57 3.66
N THR A 101 19.86 11.73 3.33
CA THR A 101 18.48 12.18 3.14
C THR A 101 17.64 11.79 4.35
N LEU A 102 16.33 12.01 4.26
CA LEU A 102 15.42 11.70 5.35
C LEU A 102 14.45 10.60 4.92
N PRO A 103 14.05 9.73 5.85
CA PRO A 103 13.15 8.64 5.55
C PRO A 103 11.69 9.03 5.67
N GLY A 104 11.05 9.24 4.53
CA GLY A 104 9.63 9.54 4.51
C GLY A 104 8.86 8.48 3.75
N PRO A 105 8.58 7.34 4.38
CA PRO A 105 7.89 6.23 3.72
C PRO A 105 6.41 6.48 3.55
N ALA A 106 5.93 6.32 2.33
CA ALA A 106 4.51 6.43 2.05
C ALA A 106 3.87 5.06 2.17
N MET A 107 2.98 4.90 3.12
CA MET A 107 2.31 3.62 3.32
C MET A 107 0.85 3.74 2.92
N LEU A 108 0.44 2.87 2.02
CA LEU A 108 -0.91 2.90 1.49
C LEU A 108 -1.56 1.53 1.61
N ILE A 109 -2.73 1.48 2.21
CA ILE A 109 -3.41 0.21 2.42
C ILE A 109 -4.07 -0.28 1.12
N PRO A 110 -4.28 -1.60 1.00
CA PRO A 110 -4.67 -2.27 -0.26
C PRO A 110 -5.89 -1.68 -0.96
N GLU A 111 -6.90 -1.26 -0.21
CA GLU A 111 -8.13 -0.77 -0.83
C GLU A 111 -7.90 0.55 -1.54
N LEU A 112 -6.83 1.23 -1.16
CA LEU A 112 -6.59 2.58 -1.65
C LEU A 112 -5.61 2.53 -2.81
N CYS A 113 -5.31 1.32 -3.24
CA CYS A 113 -4.43 1.11 -4.37
C CYS A 113 -5.17 0.36 -5.48
N TYR A 114 -5.11 0.93 -6.68
CA TYR A 114 -5.75 0.36 -7.85
C TYR A 114 -4.76 0.35 -9.02
N LEU A 115 -5.18 -0.12 -10.20
CA LEU A 115 -4.24 -0.21 -11.33
C LEU A 115 -4.40 0.96 -12.29
N THR A 116 -3.27 1.45 -12.81
CA THR A 116 -3.29 2.63 -13.69
C THR A 116 -3.19 2.22 -15.17
N GLY A 117 -2.56 1.09 -15.46
CA GLY A 117 -2.52 0.62 -16.83
C GLY A 117 -1.13 0.61 -17.46
N LEU A 118 -0.15 1.22 -16.79
CA LEU A 118 1.22 1.24 -17.34
C LEU A 118 1.96 -0.07 -17.07
N THR A 119 1.22 -1.16 -17.00
CA THR A 119 1.79 -2.46 -16.67
C THR A 119 2.10 -3.29 -17.91
N ASP A 120 1.95 -2.67 -19.09
CA ASP A 120 2.02 -3.40 -20.37
C ASP A 120 0.83 -4.35 -20.50
N ARG A 1 -11.57 -5.26 -13.59
CA ARG A 1 -10.64 -4.15 -13.93
C ARG A 1 -10.67 -3.08 -12.85
N SER A 2 -9.52 -2.43 -12.64
CA SER A 2 -9.36 -1.38 -11.64
C SER A 2 -9.99 -1.78 -10.30
N GLU A 3 -9.50 -2.87 -9.74
CA GLU A 3 -9.99 -3.36 -8.47
C GLU A 3 -8.90 -3.20 -7.41
N THR A 4 -9.20 -3.63 -6.19
CA THR A 4 -8.30 -3.43 -5.07
C THR A 4 -7.11 -4.39 -5.13
N VAL A 5 -6.03 -4.01 -4.47
CA VAL A 5 -4.85 -4.87 -4.36
C VAL A 5 -5.21 -6.13 -3.60
N LEU A 6 -6.14 -5.98 -2.68
CA LEU A 6 -6.60 -7.08 -1.84
C LEU A 6 -7.29 -8.15 -2.68
N ASP A 7 -8.04 -7.71 -3.70
CA ASP A 7 -8.75 -8.62 -4.57
C ASP A 7 -7.77 -9.51 -5.32
N PHE A 8 -6.72 -8.89 -5.85
CA PHE A 8 -5.71 -9.61 -6.63
C PHE A 8 -5.00 -10.66 -5.78
N MET A 9 -4.54 -10.26 -4.60
CA MET A 9 -3.80 -11.17 -3.72
C MET A 9 -4.71 -12.26 -3.18
N PHE A 10 -5.98 -11.94 -2.97
CA PHE A 10 -6.94 -12.91 -2.47
C PHE A 10 -7.21 -13.98 -3.53
N ASN A 11 -7.30 -13.56 -4.78
CA ASN A 11 -7.50 -14.49 -5.89
C ASN A 11 -6.27 -15.39 -6.04
N LEU A 12 -5.10 -14.79 -5.92
CA LEU A 12 -3.84 -15.51 -6.04
C LEU A 12 -3.68 -16.52 -4.90
N TYR A 13 -4.15 -16.13 -3.72
CA TYR A 13 -4.08 -16.97 -2.53
C TYR A 13 -4.90 -18.26 -2.70
N GLN A 14 -5.95 -18.19 -3.49
CA GLN A 14 -6.81 -19.35 -3.71
C GLN A 14 -6.14 -20.38 -4.62
N GLN A 15 -5.50 -19.91 -5.66
CA GLN A 15 -4.95 -20.80 -6.67
C GLN A 15 -3.48 -21.13 -6.42
N THR A 16 -2.90 -20.53 -5.39
CA THR A 16 -1.50 -20.77 -5.06
C THR A 16 -1.33 -20.99 -3.56
N GLU A 17 -0.56 -22.00 -3.19
CA GLU A 17 -0.23 -22.26 -1.79
C GLU A 17 0.34 -21.02 -1.14
N GLU A 18 -0.13 -20.75 0.07
CA GLU A 18 0.21 -19.53 0.81
C GLU A 18 1.71 -19.24 0.85
N HIS A 19 2.53 -20.27 1.06
CA HIS A 19 3.98 -20.05 1.22
C HIS A 19 4.65 -19.75 -0.11
N LYS A 20 4.17 -20.35 -1.20
CA LYS A 20 4.70 -20.05 -2.53
C LYS A 20 4.04 -18.80 -3.08
N PHE A 21 2.84 -18.55 -2.58
CA PHE A 21 2.11 -17.33 -2.85
C PHE A 21 2.85 -16.14 -2.26
N GLN A 22 3.55 -16.38 -1.15
CA GLN A 22 4.37 -15.34 -0.53
C GLN A 22 5.46 -14.86 -1.48
N GLU A 23 6.07 -15.80 -2.19
CA GLU A 23 7.08 -15.46 -3.19
C GLU A 23 6.43 -14.85 -4.43
N GLN A 24 5.30 -15.41 -4.81
CA GLN A 24 4.59 -14.99 -6.02
C GLN A 24 4.07 -13.56 -5.91
N VAL A 25 3.48 -13.23 -4.77
CA VAL A 25 2.96 -11.87 -4.55
C VAL A 25 4.08 -10.84 -4.69
N SER A 26 5.26 -11.22 -4.24
CA SER A 26 6.40 -10.33 -4.31
C SER A 26 6.86 -10.14 -5.76
N LYS A 27 6.73 -11.20 -6.56
CA LYS A 27 7.20 -11.17 -7.94
C LYS A 27 6.34 -10.30 -8.84
N GLU A 28 5.02 -10.30 -8.60
CA GLU A 28 4.12 -9.56 -9.46
C GLU A 28 3.79 -8.17 -8.92
N LEU A 29 3.55 -8.07 -7.62
CA LEU A 29 3.14 -6.79 -7.03
C LEU A 29 4.26 -5.76 -7.07
N ILE A 30 5.48 -6.19 -6.76
CA ILE A 30 6.62 -5.29 -6.80
C ILE A 30 6.98 -4.95 -8.25
N GLY A 31 6.59 -3.75 -8.66
CA GLY A 31 6.81 -3.32 -10.02
C GLY A 31 5.53 -2.88 -10.68
N LEU A 32 4.39 -3.18 -10.05
CA LEU A 32 3.10 -2.76 -10.58
C LEU A 32 2.88 -1.26 -10.39
N ILE A 33 2.28 -0.63 -11.38
CA ILE A 33 1.93 0.77 -11.28
C ILE A 33 0.58 0.92 -10.62
N VAL A 34 0.53 1.74 -9.59
CA VAL A 34 -0.65 1.84 -8.75
C VAL A 34 -1.06 3.30 -8.60
N LEU A 35 -2.26 3.53 -8.11
CA LEU A 35 -2.79 4.87 -7.93
C LEU A 35 -3.70 4.91 -6.70
N THR A 36 -4.00 6.10 -6.20
CA THR A 36 -4.86 6.25 -5.05
C THR A 36 -6.32 6.46 -5.46
N LYS A 37 -7.21 5.72 -4.82
CA LYS A 37 -8.62 5.68 -5.19
C LYS A 37 -9.30 7.06 -5.05
N TYR A 38 -8.80 7.89 -4.16
CA TYR A 38 -9.44 9.18 -3.88
C TYR A 38 -8.91 10.30 -4.76
N ASN A 39 -7.60 10.48 -4.78
CA ASN A 39 -6.99 11.63 -5.42
C ASN A 39 -6.66 11.33 -6.88
N ASN A 40 -6.74 10.05 -7.24
CA ASN A 40 -6.35 9.57 -8.57
C ASN A 40 -4.87 9.82 -8.83
N LYS A 41 -4.10 9.97 -7.74
CA LYS A 41 -2.67 10.16 -7.86
C LYS A 41 -1.98 8.84 -8.08
N THR A 42 -0.70 8.92 -8.40
CA THR A 42 0.02 7.76 -8.83
C THR A 42 1.05 7.31 -7.79
N TYR A 43 1.43 6.04 -7.87
CA TYR A 43 2.47 5.45 -7.02
C TYR A 43 2.92 4.12 -7.63
N ARG A 44 4.01 3.58 -7.12
CA ARG A 44 4.45 2.25 -7.55
C ARG A 44 4.81 1.39 -6.36
N VAL A 45 4.54 0.09 -6.46
CA VAL A 45 4.84 -0.83 -5.38
C VAL A 45 6.29 -1.30 -5.44
N ASP A 46 7.10 -0.86 -4.48
CA ASP A 46 8.49 -1.28 -4.41
C ASP A 46 8.72 -2.23 -3.24
N ASP A 47 7.96 -2.02 -2.17
CA ASP A 47 8.08 -2.87 -0.98
C ASP A 47 6.71 -3.38 -0.54
N ILE A 48 6.71 -4.49 0.19
CA ILE A 48 5.48 -5.07 0.70
C ILE A 48 5.64 -5.39 2.17
N ASP A 49 4.77 -4.83 3.01
CA ASP A 49 4.78 -5.14 4.42
C ASP A 49 3.46 -5.78 4.82
N TRP A 50 3.54 -6.79 5.67
CA TRP A 50 2.37 -7.59 6.00
C TRP A 50 1.91 -7.30 7.43
N ASP A 51 0.62 -7.53 7.70
CA ASP A 51 0.08 -7.52 9.07
C ASP A 51 0.03 -6.10 9.65
N GLN A 52 -0.28 -5.13 8.80
CA GLN A 52 -0.41 -3.75 9.25
C GLN A 52 -1.86 -3.44 9.61
N ASN A 53 -2.09 -2.41 10.43
CA ASN A 53 -3.43 -1.98 10.76
C ASN A 53 -3.55 -0.45 10.71
N PRO A 54 -4.79 0.10 10.63
CA PRO A 54 -5.03 1.54 10.49
C PRO A 54 -4.60 2.37 11.70
N LYS A 55 -4.27 1.69 12.79
CA LYS A 55 -3.86 2.37 14.03
C LYS A 55 -2.46 2.94 13.90
N SER A 56 -1.78 2.58 12.82
CA SER A 56 -0.48 3.15 12.54
C SER A 56 -0.65 4.60 12.10
N THR A 57 0.22 5.47 12.57
CA THR A 57 0.12 6.89 12.24
C THR A 57 1.22 7.28 11.28
N PHE A 58 0.85 8.04 10.26
CA PHE A 58 1.84 8.58 9.34
C PHE A 58 1.94 10.08 9.56
N LYS A 59 3.01 10.66 9.06
CA LYS A 59 3.35 12.03 9.39
C LYS A 59 2.96 12.97 8.25
N LYS A 60 2.98 14.26 8.52
CA LYS A 60 2.66 15.27 7.51
C LYS A 60 3.92 15.81 6.85
N ALA A 61 4.57 16.74 7.55
CA ALA A 61 5.77 17.42 7.07
C ALA A 61 6.24 18.39 8.14
N ASP A 62 5.29 18.93 8.88
CA ASP A 62 5.57 19.80 10.00
C ASP A 62 6.03 19.00 11.21
N GLY A 63 5.41 17.84 11.42
CA GLY A 63 5.79 16.99 12.53
C GLY A 63 4.60 16.28 13.13
N SER A 64 3.41 16.79 12.86
CA SER A 64 2.19 16.19 13.36
C SER A 64 1.89 14.89 12.60
N GLU A 65 1.13 14.01 13.24
CA GLU A 65 0.80 12.72 12.66
C GLU A 65 -0.70 12.57 12.49
N VAL A 66 -1.06 11.79 11.49
CA VAL A 66 -2.44 11.46 11.24
C VAL A 66 -2.55 9.98 10.86
N SER A 67 -3.55 9.31 11.39
CA SER A 67 -3.75 7.89 11.12
C SER A 67 -4.58 7.68 9.84
N PHE A 68 -4.59 6.45 9.35
CA PHE A 68 -5.37 6.09 8.16
C PHE A 68 -6.86 6.32 8.38
N LEU A 69 -7.31 6.15 9.62
CA LEU A 69 -8.71 6.28 9.96
C LEU A 69 -9.18 7.72 9.77
N GLU A 70 -8.40 8.69 10.26
CA GLU A 70 -8.74 10.10 10.11
C GLU A 70 -8.57 10.53 8.66
N TYR A 71 -7.56 9.97 8.00
CA TYR A 71 -7.23 10.31 6.64
C TYR A 71 -8.40 10.05 5.69
N TYR A 72 -8.99 8.86 5.77
CA TYR A 72 -10.09 8.53 4.88
C TYR A 72 -11.35 9.29 5.30
N ARG A 73 -11.59 9.35 6.61
CA ARG A 73 -12.80 9.96 7.17
C ARG A 73 -12.98 11.39 6.69
N LYS A 74 -11.88 12.12 6.59
CA LYS A 74 -11.93 13.50 6.11
C LYS A 74 -12.45 13.59 4.67
N GLN A 75 -12.21 12.54 3.90
CA GLN A 75 -12.60 12.55 2.49
C GLN A 75 -13.99 11.96 2.35
N TYR A 76 -14.15 10.77 2.91
CA TYR A 76 -15.40 10.04 2.85
C TYR A 76 -15.51 9.11 4.04
N ASN A 77 -16.68 8.57 4.21
CA ASN A 77 -16.97 7.61 5.28
C ASN A 77 -16.75 6.17 4.78
N GLN A 78 -16.05 6.05 3.65
CA GLN A 78 -15.74 4.76 3.07
C GLN A 78 -14.79 3.99 3.99
N GLU A 79 -15.19 2.80 4.38
CA GLU A 79 -14.52 2.07 5.45
C GLU A 79 -13.26 1.37 4.94
N ILE A 80 -12.16 1.52 5.67
CA ILE A 80 -10.96 0.75 5.40
C ILE A 80 -10.94 -0.46 6.33
N THR A 81 -10.69 -1.63 5.76
CA THR A 81 -10.67 -2.84 6.56
C THR A 81 -9.29 -3.48 6.54
N ASP A 82 -8.28 -2.65 6.77
CA ASP A 82 -6.90 -3.11 6.83
C ASP A 82 -6.60 -3.69 8.21
N LEU A 83 -7.28 -4.78 8.51
CA LEU A 83 -7.10 -5.45 9.78
C LEU A 83 -6.15 -6.62 9.61
N LYS A 84 -4.86 -6.33 9.77
CA LYS A 84 -3.80 -7.34 9.70
C LYS A 84 -3.60 -7.79 8.25
N GLN A 85 -3.52 -6.81 7.38
CA GLN A 85 -3.40 -7.05 5.95
C GLN A 85 -2.10 -6.43 5.43
N PRO A 86 -1.61 -6.88 4.27
CA PRO A 86 -0.43 -6.28 3.67
C PRO A 86 -0.72 -4.90 3.10
N VAL A 87 0.26 -4.01 3.21
CA VAL A 87 0.13 -2.66 2.68
C VAL A 87 1.25 -2.39 1.69
N LEU A 88 0.97 -1.53 0.72
CA LEU A 88 1.92 -1.24 -0.33
C LEU A 88 2.89 -0.18 0.15
N VAL A 89 4.14 -0.58 0.37
CA VAL A 89 5.13 0.30 0.95
C VAL A 89 6.16 0.71 -0.09
N SER A 90 6.67 1.92 0.06
CA SER A 90 7.78 2.38 -0.74
C SER A 90 8.91 2.85 0.17
N GLN A 91 9.94 2.05 0.30
CA GLN A 91 11.13 2.41 1.05
C GLN A 91 12.23 2.79 0.07
N PRO A 92 12.34 4.07 -0.26
CA PRO A 92 13.18 4.55 -1.34
C PRO A 92 14.59 4.94 -0.92
N LYS A 93 15.45 5.07 -1.92
CA LYS A 93 16.79 5.57 -1.75
C LYS A 93 17.03 6.70 -2.74
N ARG A 94 17.77 7.72 -2.34
CA ARG A 94 18.03 8.83 -3.25
C ARG A 94 19.33 8.59 -4.01
N ARG A 95 20.19 7.73 -3.47
CA ARG A 95 21.45 7.37 -4.12
C ARG A 95 22.08 6.18 -3.42
N ARG A 96 22.63 6.43 -2.26
CA ARG A 96 23.25 5.38 -1.47
C ARG A 96 22.23 4.82 -0.46
N GLY A 97 21.16 5.59 -0.28
CA GLY A 97 20.11 5.19 0.63
C GLY A 97 19.28 6.39 1.06
N PRO A 98 18.49 6.26 2.14
CA PRO A 98 17.73 7.37 2.70
C PRO A 98 18.60 8.32 3.52
N GLY A 99 19.47 7.75 4.35
CA GLY A 99 20.32 8.54 5.20
C GLY A 99 20.01 8.34 6.67
N GLY A 100 20.68 9.09 7.53
CA GLY A 100 20.43 8.99 8.95
C GLY A 100 19.20 9.79 9.37
N THR A 101 18.18 9.09 9.84
CA THR A 101 16.95 9.72 10.27
C THR A 101 16.02 8.68 10.89
N LEU A 102 14.89 9.13 11.42
CA LEU A 102 13.88 8.22 11.95
C LEU A 102 12.99 7.75 10.81
N PRO A 103 13.11 6.46 10.44
CA PRO A 103 12.43 5.89 9.28
C PRO A 103 10.92 6.08 9.30
N GLY A 104 10.41 6.56 8.18
CA GLY A 104 8.97 6.66 8.00
C GLY A 104 8.60 6.33 6.56
N PRO A 105 8.66 5.05 6.19
CA PRO A 105 8.41 4.62 4.80
C PRO A 105 6.96 4.84 4.38
N ALA A 106 6.78 5.28 3.14
CA ALA A 106 5.46 5.56 2.63
C ALA A 106 4.69 4.27 2.41
N MET A 107 3.65 4.06 3.18
CA MET A 107 2.85 2.87 3.07
C MET A 107 1.40 3.23 2.79
N LEU A 108 0.83 2.58 1.79
CA LEU A 108 -0.53 2.85 1.37
C LEU A 108 -1.43 1.64 1.62
N ILE A 109 -2.64 1.90 2.07
CA ILE A 109 -3.63 0.87 2.39
C ILE A 109 -4.02 0.08 1.13
N PRO A 110 -4.18 -1.26 1.25
CA PRO A 110 -4.51 -2.15 0.13
C PRO A 110 -5.70 -1.67 -0.72
N GLU A 111 -6.78 -1.31 -0.05
CA GLU A 111 -7.98 -0.85 -0.74
C GLU A 111 -7.82 0.58 -1.25
N LEU A 112 -6.75 1.22 -0.81
CA LEU A 112 -6.54 2.62 -1.10
C LEU A 112 -5.68 2.74 -2.35
N CYS A 113 -5.27 1.58 -2.84
CA CYS A 113 -4.45 1.48 -4.02
C CYS A 113 -5.21 0.75 -5.12
N TYR A 114 -5.24 1.35 -6.29
CA TYR A 114 -5.92 0.77 -7.45
C TYR A 114 -5.00 0.75 -8.64
N LEU A 115 -5.17 -0.23 -9.52
CA LEU A 115 -4.31 -0.39 -10.69
C LEU A 115 -4.56 0.71 -11.70
N THR A 116 -3.51 1.47 -12.01
CA THR A 116 -3.61 2.60 -12.93
C THR A 116 -3.84 2.12 -14.37
N GLY A 117 -3.34 0.94 -14.69
CA GLY A 117 -3.57 0.39 -16.01
C GLY A 117 -2.30 -0.03 -16.71
N LEU A 118 -1.31 0.85 -16.76
CA LEU A 118 -0.08 0.54 -17.49
C LEU A 118 0.84 -0.39 -16.70
N THR A 119 0.51 -1.67 -16.74
CA THR A 119 1.34 -2.69 -16.13
C THR A 119 1.99 -3.54 -17.22
N ASP A 120 1.17 -4.05 -18.12
CA ASP A 120 1.60 -4.83 -19.26
C ASP A 120 0.45 -4.92 -20.25
N ARG A 1 -7.84 -2.59 -17.22
CA ARG A 1 -8.91 -2.69 -16.19
C ARG A 1 -8.38 -2.18 -14.86
N SER A 2 -9.30 -1.78 -13.99
CA SER A 2 -8.93 -1.24 -12.70
C SER A 2 -9.68 -1.93 -11.56
N GLU A 3 -8.93 -2.47 -10.60
CA GLU A 3 -9.51 -3.13 -9.45
C GLU A 3 -8.59 -2.98 -8.23
N THR A 4 -9.11 -3.32 -7.06
CA THR A 4 -8.36 -3.13 -5.81
C THR A 4 -7.40 -4.28 -5.53
N VAL A 5 -6.50 -4.05 -4.57
CA VAL A 5 -5.48 -5.01 -4.21
C VAL A 5 -6.10 -6.24 -3.54
N LEU A 6 -7.13 -6.02 -2.72
CA LEU A 6 -7.76 -7.08 -1.96
C LEU A 6 -8.23 -8.20 -2.88
N ASP A 7 -8.92 -7.81 -3.96
CA ASP A 7 -9.47 -8.78 -4.91
C ASP A 7 -8.36 -9.62 -5.52
N PHE A 8 -7.26 -8.95 -5.87
CA PHE A 8 -6.10 -9.61 -6.47
C PHE A 8 -5.47 -10.60 -5.49
N MET A 9 -5.22 -10.16 -4.27
CA MET A 9 -4.56 -10.99 -3.27
C MET A 9 -5.44 -12.16 -2.85
N PHE A 10 -6.75 -11.92 -2.78
CA PHE A 10 -7.69 -12.96 -2.40
C PHE A 10 -7.70 -14.07 -3.44
N ASN A 11 -7.73 -13.68 -4.70
CA ASN A 11 -7.69 -14.63 -5.81
C ASN A 11 -6.41 -15.43 -5.80
N LEU A 12 -5.30 -14.71 -5.70
CA LEU A 12 -3.95 -15.31 -5.68
C LEU A 12 -3.83 -16.38 -4.60
N TYR A 13 -4.47 -16.15 -3.46
CA TYR A 13 -4.38 -17.08 -2.33
C TYR A 13 -5.05 -18.42 -2.66
N GLN A 14 -6.05 -18.37 -3.53
CA GLN A 14 -6.78 -19.57 -3.92
C GLN A 14 -6.10 -20.27 -5.08
N GLN A 15 -5.43 -19.49 -5.92
CA GLN A 15 -4.91 -20.01 -7.18
C GLN A 15 -3.41 -20.32 -7.07
N THR A 16 -2.85 -20.13 -5.88
CA THR A 16 -1.44 -20.38 -5.65
C THR A 16 -1.22 -20.85 -4.21
N GLU A 17 -0.23 -21.71 -4.01
CA GLU A 17 0.11 -22.21 -2.68
C GLU A 17 0.60 -21.08 -1.79
N GLU A 18 0.26 -21.16 -0.52
CA GLU A 18 0.61 -20.15 0.48
C GLU A 18 2.12 -19.87 0.46
N HIS A 19 2.94 -20.92 0.35
CA HIS A 19 4.39 -20.75 0.42
C HIS A 19 4.91 -20.02 -0.81
N LYS A 20 4.32 -20.30 -1.97
CA LYS A 20 4.74 -19.68 -3.21
C LYS A 20 4.07 -18.32 -3.32
N PHE A 21 2.91 -18.23 -2.68
CA PHE A 21 2.12 -17.01 -2.57
C PHE A 21 2.92 -15.95 -1.83
N GLN A 22 3.72 -16.39 -0.88
CA GLN A 22 4.61 -15.47 -0.17
C GLN A 22 5.50 -14.74 -1.16
N GLU A 23 6.07 -15.50 -2.09
CA GLU A 23 6.92 -14.93 -3.13
C GLU A 23 6.08 -14.21 -4.19
N GLN A 24 4.98 -14.83 -4.60
CA GLN A 24 4.13 -14.30 -5.67
C GLN A 24 3.62 -12.90 -5.35
N VAL A 25 3.17 -12.68 -4.12
CA VAL A 25 2.67 -11.36 -3.72
C VAL A 25 3.74 -10.30 -3.95
N SER A 26 4.96 -10.62 -3.58
CA SER A 26 6.09 -9.71 -3.76
C SER A 26 6.43 -9.56 -5.25
N LYS A 27 6.43 -10.67 -5.97
CA LYS A 27 6.85 -10.69 -7.37
C LYS A 27 5.86 -10.02 -8.31
N GLU A 28 4.56 -10.20 -8.07
CA GLU A 28 3.56 -9.71 -8.99
C GLU A 28 3.24 -8.24 -8.77
N LEU A 29 3.21 -7.81 -7.50
CA LEU A 29 2.82 -6.45 -7.17
C LEU A 29 3.96 -5.46 -7.41
N ILE A 30 5.19 -5.86 -7.08
CA ILE A 30 6.34 -5.00 -7.31
C ILE A 30 6.69 -4.97 -8.80
N GLY A 31 6.32 -3.87 -9.44
CA GLY A 31 6.57 -3.71 -10.85
C GLY A 31 5.46 -2.97 -11.55
N LEU A 32 4.23 -3.42 -11.31
CA LEU A 32 3.07 -2.82 -11.94
C LEU A 32 2.77 -1.45 -11.35
N ILE A 33 2.06 -0.64 -12.11
CA ILE A 33 1.73 0.71 -11.70
C ILE A 33 0.45 0.71 -10.87
N VAL A 34 0.42 1.56 -9.87
CA VAL A 34 -0.75 1.72 -9.02
C VAL A 34 -1.11 3.20 -8.91
N LEU A 35 -2.39 3.50 -8.98
CA LEU A 35 -2.82 4.88 -8.76
C LEU A 35 -3.70 4.93 -7.51
N THR A 36 -3.63 6.04 -6.80
CA THR A 36 -4.32 6.18 -5.52
C THR A 36 -5.83 6.06 -5.70
N LYS A 37 -6.46 7.13 -6.16
CA LYS A 37 -7.91 7.16 -6.39
C LYS A 37 -8.40 8.58 -6.62
N TYR A 38 -8.52 9.32 -5.52
CA TYR A 38 -9.17 10.63 -5.51
C TYR A 38 -8.46 11.66 -6.39
N ASN A 39 -7.14 11.66 -6.40
CA ASN A 39 -6.38 12.63 -7.19
C ASN A 39 -5.55 11.96 -8.26
N ASN A 40 -5.98 10.77 -8.67
CA ASN A 40 -5.35 9.97 -9.74
C ASN A 40 -3.81 10.02 -9.74
N LYS A 41 -3.22 10.13 -8.55
CA LYS A 41 -1.77 10.13 -8.45
C LYS A 41 -1.26 8.72 -8.56
N THR A 42 -0.03 8.56 -8.98
CA THR A 42 0.51 7.25 -9.25
C THR A 42 1.76 6.96 -8.43
N TYR A 43 1.81 5.73 -7.92
CA TYR A 43 2.95 5.21 -7.20
C TYR A 43 3.25 3.81 -7.72
N ARG A 44 4.49 3.36 -7.60
CA ARG A 44 4.81 1.98 -7.95
C ARG A 44 5.41 1.28 -6.74
N VAL A 45 4.91 0.09 -6.44
CA VAL A 45 5.25 -0.62 -5.20
C VAL A 45 6.73 -0.99 -5.15
N ASP A 46 7.42 -0.44 -4.16
CA ASP A 46 8.84 -0.74 -3.95
C ASP A 46 8.97 -1.94 -3.01
N ASP A 47 8.20 -1.92 -1.93
CA ASP A 47 8.28 -2.95 -0.91
C ASP A 47 6.91 -3.20 -0.27
N ILE A 48 6.79 -4.27 0.49
CA ILE A 48 5.52 -4.61 1.14
C ILE A 48 5.76 -4.95 2.60
N ASP A 49 4.91 -4.43 3.46
CA ASP A 49 4.95 -4.78 4.87
C ASP A 49 3.81 -5.73 5.20
N TRP A 50 4.00 -6.59 6.18
CA TRP A 50 3.04 -7.65 6.47
C TRP A 50 2.52 -7.52 7.90
N ASP A 51 1.25 -7.85 8.07
CA ASP A 51 0.58 -7.77 9.37
C ASP A 51 0.66 -6.35 9.93
N GLN A 52 0.05 -5.42 9.22
CA GLN A 52 -0.01 -4.04 9.67
C GLN A 52 -1.47 -3.63 9.85
N ASN A 53 -1.71 -2.64 10.69
CA ASN A 53 -3.06 -2.20 10.99
C ASN A 53 -3.19 -0.67 10.95
N PRO A 54 -4.43 -0.18 10.70
CA PRO A 54 -4.73 1.26 10.60
C PRO A 54 -4.38 2.05 11.88
N LYS A 55 -4.07 1.33 12.94
CA LYS A 55 -3.69 1.92 14.21
C LYS A 55 -2.47 2.83 14.06
N SER A 56 -1.67 2.58 13.04
CA SER A 56 -0.46 3.33 12.80
C SER A 56 -0.76 4.76 12.35
N THR A 57 0.12 5.68 12.71
CA THR A 57 -0.01 7.07 12.30
C THR A 57 1.05 7.40 11.26
N PHE A 58 0.77 8.36 10.40
CA PHE A 58 1.66 8.68 9.30
C PHE A 58 1.48 10.12 8.83
N LYS A 59 2.56 10.68 8.25
CA LYS A 59 2.55 12.01 7.64
C LYS A 59 2.12 13.09 8.63
N LYS A 60 3.10 13.71 9.30
CA LYS A 60 2.82 14.74 10.28
C LYS A 60 2.32 15.99 9.59
N ALA A 61 3.18 16.55 8.71
CA ALA A 61 2.84 17.73 7.91
C ALA A 61 2.67 18.99 8.76
N ASP A 62 1.72 18.93 9.68
CA ASP A 62 1.41 20.05 10.56
C ASP A 62 1.94 19.78 11.96
N GLY A 63 2.20 18.51 12.26
CA GLY A 63 2.67 18.14 13.58
C GLY A 63 1.62 17.40 14.38
N SER A 64 0.66 16.82 13.66
CA SER A 64 -0.37 16.03 14.27
C SER A 64 -0.39 14.66 13.61
N GLU A 65 -0.56 13.62 14.41
CA GLU A 65 -0.54 12.27 13.89
C GLU A 65 -1.95 11.76 13.67
N VAL A 66 -2.25 11.46 12.42
CA VAL A 66 -3.58 11.00 12.05
C VAL A 66 -3.55 9.51 11.69
N SER A 67 -4.60 8.82 12.06
CA SER A 67 -4.73 7.40 11.78
C SER A 67 -5.29 7.17 10.38
N PHE A 68 -5.07 5.97 9.85
CA PHE A 68 -5.58 5.58 8.54
C PHE A 68 -7.08 5.80 8.42
N LEU A 69 -7.80 5.47 9.48
CA LEU A 69 -9.26 5.50 9.46
C LEU A 69 -9.78 6.91 9.19
N GLU A 70 -9.29 7.90 9.93
CA GLU A 70 -9.74 9.26 9.77
C GLU A 70 -9.20 9.87 8.48
N TYR A 71 -8.02 9.42 8.08
CA TYR A 71 -7.38 9.92 6.86
C TYR A 71 -8.24 9.59 5.64
N TYR A 72 -8.81 8.40 5.64
CA TYR A 72 -9.66 7.97 4.55
C TYR A 72 -11.00 8.68 4.64
N ARG A 73 -11.55 8.73 5.84
CA ARG A 73 -12.89 9.27 6.09
C ARG A 73 -13.04 10.69 5.55
N LYS A 74 -11.99 11.48 5.68
CA LYS A 74 -12.01 12.87 5.24
C LYS A 74 -12.33 12.98 3.74
N GLN A 75 -11.82 12.04 2.95
CA GLN A 75 -12.01 12.08 1.51
C GLN A 75 -13.26 11.30 1.13
N TYR A 76 -13.39 10.11 1.70
CA TYR A 76 -14.54 9.28 1.46
C TYR A 76 -14.95 8.60 2.77
N ASN A 77 -16.23 8.38 2.90
CA ASN A 77 -16.79 7.74 4.09
C ASN A 77 -16.63 6.23 4.03
N GLN A 78 -15.75 5.77 3.15
CA GLN A 78 -15.54 4.34 2.95
C GLN A 78 -14.74 3.76 4.12
N GLU A 79 -15.25 2.69 4.70
CA GLU A 79 -14.63 2.07 5.86
C GLU A 79 -13.50 1.14 5.43
N ILE A 80 -12.27 1.49 5.80
CA ILE A 80 -11.13 0.63 5.50
C ILE A 80 -11.19 -0.64 6.33
N THR A 81 -10.74 -1.73 5.74
CA THR A 81 -10.91 -3.03 6.35
C THR A 81 -9.65 -3.87 6.15
N ASP A 82 -8.73 -3.79 7.10
CA ASP A 82 -7.46 -4.47 7.01
C ASP A 82 -7.25 -5.31 8.25
N LEU A 83 -6.72 -4.67 9.30
CA LEU A 83 -6.49 -5.30 10.60
C LEU A 83 -5.59 -6.52 10.45
N LYS A 84 -4.28 -6.30 10.63
CA LYS A 84 -3.28 -7.37 10.51
C LYS A 84 -3.19 -7.85 9.06
N GLN A 85 -3.22 -6.88 8.16
CA GLN A 85 -3.22 -7.16 6.74
C GLN A 85 -2.00 -6.49 6.10
N PRO A 86 -1.39 -7.11 5.08
CA PRO A 86 -0.24 -6.52 4.38
C PRO A 86 -0.54 -5.12 3.82
N VAL A 87 0.47 -4.27 3.82
CA VAL A 87 0.30 -2.90 3.39
C VAL A 87 1.44 -2.52 2.44
N LEU A 88 1.14 -1.68 1.45
CA LEU A 88 2.10 -1.34 0.42
C LEU A 88 3.02 -0.21 0.89
N VAL A 89 4.31 -0.40 0.74
CA VAL A 89 5.29 0.60 1.17
C VAL A 89 6.13 1.09 -0.02
N SER A 90 6.14 2.40 -0.21
CA SER A 90 6.99 3.01 -1.22
C SER A 90 8.20 3.65 -0.54
N GLN A 91 9.36 3.51 -1.16
CA GLN A 91 10.60 4.04 -0.63
C GLN A 91 11.76 3.73 -1.58
N PRO A 92 11.89 4.54 -2.66
CA PRO A 92 12.93 4.37 -3.69
C PRO A 92 14.32 4.07 -3.11
N LYS A 93 14.96 5.07 -2.52
CA LYS A 93 16.30 4.90 -1.96
C LYS A 93 16.46 5.77 -0.71
N ARG A 94 16.52 5.14 0.46
CA ARG A 94 16.56 5.88 1.72
C ARG A 94 17.99 6.27 2.11
N ARG A 95 18.94 6.05 1.21
CA ARG A 95 20.33 6.39 1.48
C ARG A 95 20.68 7.77 0.92
N ARG A 96 19.65 8.50 0.51
CA ARG A 96 19.79 9.87 0.00
C ARG A 96 18.43 10.42 -0.42
N GLY A 97 17.79 9.72 -1.32
CA GLY A 97 16.54 10.18 -1.88
C GLY A 97 16.64 10.34 -3.39
N PRO A 98 15.57 10.78 -4.05
CA PRO A 98 15.57 10.96 -5.50
C PRO A 98 16.05 12.35 -5.93
N GLY A 99 16.38 13.19 -4.95
CA GLY A 99 16.84 14.52 -5.25
C GLY A 99 16.75 15.46 -4.07
N GLY A 100 15.73 16.32 -4.08
CA GLY A 100 15.56 17.29 -3.01
C GLY A 100 14.23 17.15 -2.29
N THR A 101 13.96 15.94 -1.81
CA THR A 101 12.76 15.69 -1.02
C THR A 101 13.11 14.72 0.11
N LEU A 102 12.34 14.77 1.19
CA LEU A 102 12.64 13.96 2.37
C LEU A 102 12.37 12.48 2.12
N PRO A 103 13.39 11.63 2.35
CA PRO A 103 13.29 10.19 2.17
C PRO A 103 12.74 9.45 3.40
N GLY A 104 11.54 8.92 3.25
CA GLY A 104 10.94 8.16 4.34
C GLY A 104 10.07 7.04 3.81
N PRO A 105 9.62 6.11 4.67
CA PRO A 105 8.73 5.04 4.25
C PRO A 105 7.29 5.54 4.04
N ALA A 106 6.73 5.26 2.88
CA ALA A 106 5.36 5.63 2.59
C ALA A 106 4.47 4.41 2.50
N MET A 107 3.64 4.20 3.51
CA MET A 107 2.78 3.04 3.54
C MET A 107 1.35 3.44 3.20
N LEU A 108 0.77 2.73 2.25
CA LEU A 108 -0.56 3.04 1.76
C LEU A 108 -1.42 1.78 1.77
N ILE A 109 -2.61 1.92 2.33
CA ILE A 109 -3.50 0.77 2.54
C ILE A 109 -3.94 0.17 1.19
N PRO A 110 -4.14 -1.16 1.13
CA PRO A 110 -4.51 -1.89 -0.10
C PRO A 110 -5.66 -1.24 -0.87
N GLU A 111 -6.78 -1.00 -0.20
CA GLU A 111 -7.97 -0.45 -0.85
C GLU A 111 -7.74 0.99 -1.34
N LEU A 112 -6.65 1.59 -0.90
CA LEU A 112 -6.31 2.95 -1.30
C LEU A 112 -5.37 2.91 -2.48
N CYS A 113 -4.97 1.70 -2.83
CA CYS A 113 -4.16 1.48 -4.00
C CYS A 113 -4.99 0.75 -5.05
N TYR A 114 -5.02 1.26 -6.26
CA TYR A 114 -5.83 0.68 -7.31
C TYR A 114 -5.02 0.46 -8.57
N LEU A 115 -5.37 -0.56 -9.33
CA LEU A 115 -4.67 -0.88 -10.57
C LEU A 115 -5.06 0.09 -11.67
N THR A 116 -4.08 0.69 -12.32
CA THR A 116 -4.33 1.64 -13.40
C THR A 116 -4.66 0.89 -14.70
N GLY A 117 -4.15 -0.33 -14.83
CA GLY A 117 -4.36 -1.10 -16.04
C GLY A 117 -3.30 -0.83 -17.07
N LEU A 118 -2.25 -0.14 -16.65
CA LEU A 118 -1.12 0.20 -17.52
C LEU A 118 -0.22 -1.02 -17.72
N THR A 119 -0.59 -2.13 -17.07
CA THR A 119 0.15 -3.37 -17.18
C THR A 119 0.04 -3.93 -18.60
N ASP A 120 -1.20 -4.01 -19.09
CA ASP A 120 -1.46 -4.52 -20.43
C ASP A 120 -2.90 -4.20 -20.84
#